data_4KRW
# 
_entry.id   4KRW 
# 
_audit_conform.dict_name       mmcif_pdbx.dic 
_audit_conform.dict_version    5.387 
_audit_conform.dict_location   http://mmcif.pdb.org/dictionaries/ascii/mmcif_pdbx.dic 
# 
loop_
_database_2.database_id 
_database_2.database_code 
_database_2.pdbx_database_accession 
_database_2.pdbx_DOI 
PDB   4KRW         pdb_00004krw 10.2210/pdb4krw/pdb 
RCSB  RCSB079717   ?            ?                   
WWPDB D_1000079717 ?            ?                   
# 
loop_
_pdbx_audit_revision_history.ordinal 
_pdbx_audit_revision_history.data_content_type 
_pdbx_audit_revision_history.major_revision 
_pdbx_audit_revision_history.minor_revision 
_pdbx_audit_revision_history.revision_date 
1 'Structure model' 1 0 2013-09-04 
2 'Structure model' 1 1 2013-09-25 
3 'Structure model' 1 2 2024-02-28 
# 
_pdbx_audit_revision_details.ordinal             1 
_pdbx_audit_revision_details.revision_ordinal    1 
_pdbx_audit_revision_details.data_content_type   'Structure model' 
_pdbx_audit_revision_details.provider            repository 
_pdbx_audit_revision_details.type                'Initial release' 
_pdbx_audit_revision_details.description         ? 
_pdbx_audit_revision_details.details             ? 
# 
loop_
_pdbx_audit_revision_group.ordinal 
_pdbx_audit_revision_group.revision_ordinal 
_pdbx_audit_revision_group.data_content_type 
_pdbx_audit_revision_group.group 
1 2 'Structure model' 'Database references'  
2 3 'Structure model' 'Data collection'      
3 3 'Structure model' 'Database references'  
4 3 'Structure model' 'Derived calculations' 
# 
loop_
_pdbx_audit_revision_category.ordinal 
_pdbx_audit_revision_category.revision_ordinal 
_pdbx_audit_revision_category.data_content_type 
_pdbx_audit_revision_category.category 
1 3 'Structure model' chem_comp_atom     
2 3 'Structure model' chem_comp_bond     
3 3 'Structure model' database_2         
4 3 'Structure model' struct_ref_seq_dif 
5 3 'Structure model' struct_site        
# 
loop_
_pdbx_audit_revision_item.ordinal 
_pdbx_audit_revision_item.revision_ordinal 
_pdbx_audit_revision_item.data_content_type 
_pdbx_audit_revision_item.item 
1 3 'Structure model' '_database_2.pdbx_DOI'                
2 3 'Structure model' '_database_2.pdbx_database_accession' 
3 3 'Structure model' '_struct_ref_seq_dif.details'         
4 3 'Structure model' '_struct_site.pdbx_auth_asym_id'      
5 3 'Structure model' '_struct_site.pdbx_auth_comp_id'      
6 3 'Structure model' '_struct_site.pdbx_auth_seq_id'       
# 
_pdbx_database_status.status_code                     REL 
_pdbx_database_status.entry_id                        4KRW 
_pdbx_database_status.recvd_initial_deposition_date   2013-05-17 
_pdbx_database_status.deposit_site                    RCSB 
_pdbx_database_status.process_site                    RCSB 
_pdbx_database_status.status_code_sf                  REL 
_pdbx_database_status.status_code_mr                  ? 
_pdbx_database_status.SG_entry                        ? 
_pdbx_database_status.status_code_cs                  ? 
_pdbx_database_status.methods_development_category    ? 
_pdbx_database_status.pdb_format_compatible           Y 
_pdbx_database_status.status_code_nmr_data            ? 
# 
_pdbx_database_related.db_name        PDB 
_pdbx_database_related.db_id          4KJI 
_pdbx_database_related.details        'RsmN-RNA complex' 
_pdbx_database_related.content_type   unspecified 
# 
_audit_author.name           'Li, C.' 
_audit_author.pdbx_ordinal   1 
# 
_citation.id                        primary 
_citation.title                     
'Structural Rearrangement in an RsmA/CsrA Ortholog of Pseudomonas aeruginosa Creates a Dimeric RNA-Binding Protein, RsmN.' 
_citation.journal_abbrev            Structure 
_citation.journal_volume            21 
_citation.page_first                1659 
_citation.page_last                 1671 
_citation.year                      2013 
_citation.journal_id_ASTM           STRUE6 
_citation.country                   UK 
_citation.journal_id_ISSN           0969-2126 
_citation.journal_id_CSD            2005 
_citation.book_publisher            ? 
_citation.pdbx_database_id_PubMed   23954502 
_citation.pdbx_database_id_DOI      10.1016/j.str.2013.07.007 
# 
loop_
_citation_author.citation_id 
_citation_author.name 
_citation_author.ordinal 
_citation_author.identifier_ORCID 
primary 'Morris, E.R.'   1  ? 
primary 'Hall, G.'       2  ? 
primary 'Li, C.'         3  ? 
primary 'Heeb, S.'       4  ? 
primary 'Kulkarni, R.V.' 5  ? 
primary 'Lovelock, L.'   6  ? 
primary 'Silistre, H.'   7  ? 
primary 'Messina, M.'    8  ? 
primary 'Camara, M.'     9  ? 
primary 'Emsley, J.'     10 ? 
primary 'Williams, P.'   11 ? 
primary 'Searle, M.S.'   12 ? 
# 
loop_
_entity.id 
_entity.type 
_entity.src_method 
_entity.pdbx_description 
_entity.formula_weight 
_entity.pdbx_number_of_molecules 
_entity.pdbx_ec 
_entity.pdbx_mutation 
_entity.pdbx_fragment 
_entity.details 
1 polymer     man 'RsmN, a RNA-binding protein of Regulator of Secondary Metabolism' 8768.108 1  ? ? ? ? 
2 non-polymer syn 'IODIDE ION'                                                       126.904  2  ? ? ? ? 
3 water       nat water                                                              18.015   33 ? ? ? ? 
# 
_entity_poly.entity_id                      1 
_entity_poly.type                           'polypeptide(L)' 
_entity_poly.nstd_linkage                   no 
_entity_poly.nstd_monomer                   no 
_entity_poly.pdbx_seq_one_letter_code       HHHHHHGSMGFLILSRREGEGITLSLKADYPAEELIRQLREGGIRILVTDIIGNQARVGIEAPRGVLIVRDELKTAPKG 
_entity_poly.pdbx_seq_one_letter_code_can   HHHHHHGSMGFLILSRREGEGITLSLKADYPAEELIRQLREGGIRILVTDIIGNQARVGIEAPRGVLIVRDELKTAPKG 
_entity_poly.pdbx_strand_id                 A 
_entity_poly.pdbx_target_identifier         ? 
# 
loop_
_pdbx_entity_nonpoly.entity_id 
_pdbx_entity_nonpoly.name 
_pdbx_entity_nonpoly.comp_id 
2 'IODIDE ION' IOD 
3 water        HOH 
# 
loop_
_entity_poly_seq.entity_id 
_entity_poly_seq.num 
_entity_poly_seq.mon_id 
_entity_poly_seq.hetero 
1 1  HIS n 
1 2  HIS n 
1 3  HIS n 
1 4  HIS n 
1 5  HIS n 
1 6  HIS n 
1 7  GLY n 
1 8  SER n 
1 9  MET n 
1 10 GLY n 
1 11 PHE n 
1 12 LEU n 
1 13 ILE n 
1 14 LEU n 
1 15 SER n 
1 16 ARG n 
1 17 ARG n 
1 18 GLU n 
1 19 GLY n 
1 20 GLU n 
1 21 GLY n 
1 22 ILE n 
1 23 THR n 
1 24 LEU n 
1 25 SER n 
1 26 LEU n 
1 27 LYS n 
1 28 ALA n 
1 29 ASP n 
1 30 TYR n 
1 31 PRO n 
1 32 ALA n 
1 33 GLU n 
1 34 GLU n 
1 35 LEU n 
1 36 ILE n 
1 37 ARG n 
1 38 GLN n 
1 39 LEU n 
1 40 ARG n 
1 41 GLU n 
1 42 GLY n 
1 43 GLY n 
1 44 ILE n 
1 45 ARG n 
1 46 ILE n 
1 47 LEU n 
1 48 VAL n 
1 49 THR n 
1 50 ASP n 
1 51 ILE n 
1 52 ILE n 
1 53 GLY n 
1 54 ASN n 
1 55 GLN n 
1 56 ALA n 
1 57 ARG n 
1 58 VAL n 
1 59 GLY n 
1 60 ILE n 
1 61 GLU n 
1 62 ALA n 
1 63 PRO n 
1 64 ARG n 
1 65 GLY n 
1 66 VAL n 
1 67 LEU n 
1 68 ILE n 
1 69 VAL n 
1 70 ARG n 
1 71 ASP n 
1 72 GLU n 
1 73 LEU n 
1 74 LYS n 
1 75 THR n 
1 76 ALA n 
1 77 PRO n 
1 78 LYS n 
1 79 GLY n 
# 
_entity_src_gen.entity_id                          1 
_entity_src_gen.pdbx_src_id                        1 
_entity_src_gen.pdbx_alt_source_flag               sample 
_entity_src_gen.pdbx_seq_type                      ? 
_entity_src_gen.pdbx_beg_seq_num                   ? 
_entity_src_gen.pdbx_end_seq_num                   ? 
_entity_src_gen.gene_src_common_name               ? 
_entity_src_gen.gene_src_genus                     ? 
_entity_src_gen.pdbx_gene_src_gene                 'PA14_68470, rsmN' 
_entity_src_gen.gene_src_species                   ? 
_entity_src_gen.gene_src_strain                    UCBPP-PA14 
_entity_src_gen.gene_src_tissue                    ? 
_entity_src_gen.gene_src_tissue_fraction           ? 
_entity_src_gen.gene_src_details                   ? 
_entity_src_gen.pdbx_gene_src_fragment             ? 
_entity_src_gen.pdbx_gene_src_scientific_name      'Pseudomonas aeruginosa' 
_entity_src_gen.pdbx_gene_src_ncbi_taxonomy_id     208963 
_entity_src_gen.pdbx_gene_src_variant              ? 
_entity_src_gen.pdbx_gene_src_cell_line            ? 
_entity_src_gen.pdbx_gene_src_atcc                 ? 
_entity_src_gen.pdbx_gene_src_organ                ? 
_entity_src_gen.pdbx_gene_src_organelle            ? 
_entity_src_gen.pdbx_gene_src_cell                 ? 
_entity_src_gen.pdbx_gene_src_cellular_location    ? 
_entity_src_gen.host_org_common_name               ? 
_entity_src_gen.pdbx_host_org_scientific_name      'Escherichia coli' 
_entity_src_gen.pdbx_host_org_ncbi_taxonomy_id     562 
_entity_src_gen.host_org_genus                     ? 
_entity_src_gen.pdbx_host_org_gene                 ? 
_entity_src_gen.pdbx_host_org_organ                ? 
_entity_src_gen.host_org_species                   ? 
_entity_src_gen.pdbx_host_org_tissue               ? 
_entity_src_gen.pdbx_host_org_tissue_fraction      ? 
_entity_src_gen.pdbx_host_org_strain               'C41 (DE3)' 
_entity_src_gen.pdbx_host_org_variant              ? 
_entity_src_gen.pdbx_host_org_cell_line            ? 
_entity_src_gen.pdbx_host_org_atcc                 ? 
_entity_src_gen.pdbx_host_org_culture_collection   ? 
_entity_src_gen.pdbx_host_org_cell                 ? 
_entity_src_gen.pdbx_host_org_organelle            ? 
_entity_src_gen.pdbx_host_org_cellular_location    ? 
_entity_src_gen.pdbx_host_org_vector_type          PLASMID 
_entity_src_gen.pdbx_host_org_vector               ? 
_entity_src_gen.host_org_details                   ? 
_entity_src_gen.expression_system_id               ? 
_entity_src_gen.plasmid_name                       pME600 
_entity_src_gen.plasmid_details                    ? 
_entity_src_gen.pdbx_description                   ? 
# 
loop_
_chem_comp.id 
_chem_comp.type 
_chem_comp.mon_nstd_flag 
_chem_comp.name 
_chem_comp.pdbx_synonyms 
_chem_comp.formula 
_chem_comp.formula_weight 
ALA 'L-peptide linking' y ALANINE         ? 'C3 H7 N O2'     89.093  
ARG 'L-peptide linking' y ARGININE        ? 'C6 H15 N4 O2 1' 175.209 
ASN 'L-peptide linking' y ASPARAGINE      ? 'C4 H8 N2 O3'    132.118 
ASP 'L-peptide linking' y 'ASPARTIC ACID' ? 'C4 H7 N O4'     133.103 
GLN 'L-peptide linking' y GLUTAMINE       ? 'C5 H10 N2 O3'   146.144 
GLU 'L-peptide linking' y 'GLUTAMIC ACID' ? 'C5 H9 N O4'     147.129 
GLY 'peptide linking'   y GLYCINE         ? 'C2 H5 N O2'     75.067  
HIS 'L-peptide linking' y HISTIDINE       ? 'C6 H10 N3 O2 1' 156.162 
HOH non-polymer         . WATER           ? 'H2 O'           18.015  
ILE 'L-peptide linking' y ISOLEUCINE      ? 'C6 H13 N O2'    131.173 
IOD non-polymer         . 'IODIDE ION'    ? 'I -1'           126.904 
LEU 'L-peptide linking' y LEUCINE         ? 'C6 H13 N O2'    131.173 
LYS 'L-peptide linking' y LYSINE          ? 'C6 H15 N2 O2 1' 147.195 
MET 'L-peptide linking' y METHIONINE      ? 'C5 H11 N O2 S'  149.211 
PHE 'L-peptide linking' y PHENYLALANINE   ? 'C9 H11 N O2'    165.189 
PRO 'L-peptide linking' y PROLINE         ? 'C5 H9 N O2'     115.130 
SER 'L-peptide linking' y SERINE          ? 'C3 H7 N O3'     105.093 
THR 'L-peptide linking' y THREONINE       ? 'C4 H9 N O3'     119.119 
TYR 'L-peptide linking' y TYROSINE        ? 'C9 H11 N O3'    181.189 
VAL 'L-peptide linking' y VALINE          ? 'C5 H11 N O2'    117.146 
# 
loop_
_pdbx_poly_seq_scheme.asym_id 
_pdbx_poly_seq_scheme.entity_id 
_pdbx_poly_seq_scheme.seq_id 
_pdbx_poly_seq_scheme.mon_id 
_pdbx_poly_seq_scheme.ndb_seq_num 
_pdbx_poly_seq_scheme.pdb_seq_num 
_pdbx_poly_seq_scheme.auth_seq_num 
_pdbx_poly_seq_scheme.pdb_mon_id 
_pdbx_poly_seq_scheme.auth_mon_id 
_pdbx_poly_seq_scheme.pdb_strand_id 
_pdbx_poly_seq_scheme.pdb_ins_code 
_pdbx_poly_seq_scheme.hetero 
A 1 1  HIS 1  -7 ?  ?   ?   A . n 
A 1 2  HIS 2  -6 ?  ?   ?   A . n 
A 1 3  HIS 3  -5 ?  ?   ?   A . n 
A 1 4  HIS 4  -4 ?  ?   ?   A . n 
A 1 5  HIS 5  -3 ?  ?   ?   A . n 
A 1 6  HIS 6  -2 ?  ?   ?   A . n 
A 1 7  GLY 7  -1 ?  ?   ?   A . n 
A 1 8  SER 8  0  0  SER SER A . n 
A 1 9  MET 9  1  1  MET MET A . n 
A 1 10 GLY 10 2  2  GLY GLY A . n 
A 1 11 PHE 11 3  3  PHE PHE A . n 
A 1 12 LEU 12 4  4  LEU LEU A . n 
A 1 13 ILE 13 5  5  ILE ILE A . n 
A 1 14 LEU 14 6  6  LEU LEU A . n 
A 1 15 SER 15 7  7  SER SER A . n 
A 1 16 ARG 16 8  8  ARG ARG A . n 
A 1 17 ARG 17 9  9  ARG ARG A . n 
A 1 18 GLU 18 10 10 GLU GLU A . n 
A 1 19 GLY 19 11 11 GLY GLY A . n 
A 1 20 GLU 20 12 12 GLU GLU A . n 
A 1 21 GLY 21 13 13 GLY GLY A . n 
A 1 22 ILE 22 14 14 ILE ILE A . n 
A 1 23 THR 23 15 15 THR THR A . n 
A 1 24 LEU 24 16 16 LEU LEU A . n 
A 1 25 SER 25 17 17 SER SER A . n 
A 1 26 LEU 26 18 18 LEU LEU A . n 
A 1 27 LYS 27 19 19 LYS LYS A . n 
A 1 28 ALA 28 20 20 ALA ALA A . n 
A 1 29 ASP 29 21 21 ASP ASP A . n 
A 1 30 TYR 30 22 22 TYR TYR A . n 
A 1 31 PRO 31 23 23 PRO PRO A . n 
A 1 32 ALA 32 24 24 ALA ALA A . n 
A 1 33 GLU 33 25 25 GLU GLU A . n 
A 1 34 GLU 34 26 26 GLU GLU A . n 
A 1 35 LEU 35 27 27 LEU LEU A . n 
A 1 36 ILE 36 28 28 ILE ILE A . n 
A 1 37 ARG 37 29 29 ARG ARG A . n 
A 1 38 GLN 38 30 30 GLN GLN A . n 
A 1 39 LEU 39 31 31 LEU LEU A . n 
A 1 40 ARG 40 32 32 ARG ARG A . n 
A 1 41 GLU 41 33 33 GLU GLU A . n 
A 1 42 GLY 42 34 34 GLY GLY A . n 
A 1 43 GLY 43 35 35 GLY GLY A . n 
A 1 44 ILE 44 36 36 ILE ILE A . n 
A 1 45 ARG 45 37 37 ARG ARG A . n 
A 1 46 ILE 46 38 38 ILE ILE A . n 
A 1 47 LEU 47 39 39 LEU LEU A . n 
A 1 48 VAL 48 40 40 VAL VAL A . n 
A 1 49 THR 49 41 41 THR THR A . n 
A 1 50 ASP 50 42 42 ASP ASP A . n 
A 1 51 ILE 51 43 43 ILE ILE A . n 
A 1 52 ILE 52 44 44 ILE ILE A . n 
A 1 53 GLY 53 45 45 GLY GLY A . n 
A 1 54 ASN 54 46 46 ASN ASN A . n 
A 1 55 GLN 55 47 47 GLN GLN A . n 
A 1 56 ALA 56 48 48 ALA ALA A . n 
A 1 57 ARG 57 49 49 ARG ARG A . n 
A 1 58 VAL 58 50 50 VAL VAL A . n 
A 1 59 GLY 59 51 51 GLY GLY A . n 
A 1 60 ILE 60 52 52 ILE ILE A . n 
A 1 61 GLU 61 53 53 GLU GLU A . n 
A 1 62 ALA 62 54 54 ALA ALA A . n 
A 1 63 PRO 63 55 55 PRO PRO A . n 
A 1 64 ARG 64 56 56 ARG ARG A . n 
A 1 65 GLY 65 57 57 GLY GLY A . n 
A 1 66 VAL 66 58 58 VAL VAL A . n 
A 1 67 LEU 67 59 59 LEU LEU A . n 
A 1 68 ILE 68 60 60 ILE ILE A . n 
A 1 69 VAL 69 61 61 VAL VAL A . n 
A 1 70 ARG 70 62 62 ARG ARG A . n 
A 1 71 ASP 71 63 63 ASP ASP A . n 
A 1 72 GLU 72 64 64 GLU GLU A . n 
A 1 73 LEU 73 65 65 LEU LEU A . n 
A 1 74 LYS 74 66 66 LYS LYS A . n 
A 1 75 THR 75 67 ?  ?   ?   A . n 
A 1 76 ALA 76 68 ?  ?   ?   A . n 
A 1 77 PRO 77 69 ?  ?   ?   A . n 
A 1 78 LYS 78 70 ?  ?   ?   A . n 
A 1 79 GLY 79 71 ?  ?   ?   A . n 
# 
loop_
_pdbx_nonpoly_scheme.asym_id 
_pdbx_nonpoly_scheme.entity_id 
_pdbx_nonpoly_scheme.mon_id 
_pdbx_nonpoly_scheme.ndb_seq_num 
_pdbx_nonpoly_scheme.pdb_seq_num 
_pdbx_nonpoly_scheme.auth_seq_num 
_pdbx_nonpoly_scheme.pdb_mon_id 
_pdbx_nonpoly_scheme.auth_mon_id 
_pdbx_nonpoly_scheme.pdb_strand_id 
_pdbx_nonpoly_scheme.pdb_ins_code 
B 2 IOD 1  200 200 IOD IOD A . 
C 2 IOD 1  201 201 IOD IOD A . 
D 3 HOH 1  301 100 HOH HOH A . 
D 3 HOH 2  302 101 HOH HOH A . 
D 3 HOH 3  303 102 HOH HOH A . 
D 3 HOH 4  304 103 HOH HOH A . 
D 3 HOH 5  305 104 HOH HOH A . 
D 3 HOH 6  306 106 HOH HOH A . 
D 3 HOH 7  307 107 HOH HOH A . 
D 3 HOH 8  308 108 HOH HOH A . 
D 3 HOH 9  309 109 HOH HOH A . 
D 3 HOH 10 310 110 HOH HOH A . 
D 3 HOH 11 311 111 HOH HOH A . 
D 3 HOH 12 312 112 HOH HOH A . 
D 3 HOH 13 313 113 HOH HOH A . 
D 3 HOH 14 314 114 HOH HOH A . 
D 3 HOH 15 315 115 HOH HOH A . 
D 3 HOH 16 316 116 HOH HOH A . 
D 3 HOH 17 317 117 HOH HOH A . 
D 3 HOH 18 318 118 HOH HOH A . 
D 3 HOH 19 319 119 HOH HOH A . 
D 3 HOH 20 320 120 HOH HOH A . 
D 3 HOH 21 321 121 HOH HOH A . 
D 3 HOH 22 322 122 HOH HOH A . 
D 3 HOH 23 323 123 HOH HOH A . 
D 3 HOH 24 324 124 HOH HOH A . 
D 3 HOH 25 325 125 HOH HOH A . 
D 3 HOH 26 326 126 HOH HOH A . 
D 3 HOH 27 327 127 HOH HOH A . 
D 3 HOH 28 328 128 HOH HOH A . 
D 3 HOH 29 329 129 HOH HOH A . 
D 3 HOH 30 330 130 HOH HOH A . 
D 3 HOH 31 331 131 HOH HOH A . 
D 3 HOH 32 332 132 HOH HOH A . 
D 3 HOH 33 333 133 HOH HOH A . 
# 
loop_
_software.name 
_software.classification 
_software.version 
_software.citation_id 
_software.pdbx_ordinal 
DNA    'data collection' .        ? 1 
PHASER phasing           MR       ? 2 
REFMAC refinement        5.7.0029 ? 3 
MOSFLM 'data reduction'  .        ? 4 
SCALA  'data scaling'    .        ? 5 
# 
_cell.entry_id           4KRW 
_cell.length_a           41.137 
_cell.length_b           41.137 
_cell.length_c           72.530 
_cell.angle_alpha        90.00 
_cell.angle_beta         90.00 
_cell.angle_gamma        120.00 
_cell.Z_PDB              6 
_cell.pdbx_unique_axis   ? 
_cell.length_a_esd       ? 
_cell.length_b_esd       ? 
_cell.length_c_esd       ? 
_cell.angle_alpha_esd    ? 
_cell.angle_beta_esd     ? 
_cell.angle_gamma_esd    ? 
# 
_symmetry.entry_id                         4KRW 
_symmetry.space_group_name_H-M             'P 31 1 2' 
_symmetry.pdbx_full_space_group_name_H-M   ? 
_symmetry.cell_setting                     ? 
_symmetry.Int_Tables_number                151 
_symmetry.space_group_name_Hall            ? 
# 
_exptl.entry_id          4KRW 
_exptl.method            'X-RAY DIFFRACTION' 
_exptl.crystals_number   1 
# 
_exptl_crystal.id                    1 
_exptl_crystal.density_meas          ? 
_exptl_crystal.density_Matthews      2.02 
_exptl_crystal.density_percent_sol   39.12 
_exptl_crystal.description           ? 
_exptl_crystal.F_000                 ? 
_exptl_crystal.preparation           ? 
# 
_exptl_crystal_grow.crystal_id      1 
_exptl_crystal_grow.method          'VAPOR DIFFUSION, HANGING DROP' 
_exptl_crystal_grow.temp            292 
_exptl_crystal_grow.temp_details    ? 
_exptl_crystal_grow.pH              7.4 
_exptl_crystal_grow.pdbx_details    
'0.2 M sodium iodide, 20% (v/v) PEG 3350, pH 7.4, VAPOR DIFFUSION, HANGING DROP, temperature 292K' 
_exptl_crystal_grow.pdbx_pH_range   ? 
# 
_diffrn.id                     1 
_diffrn.ambient_temp           100 
_diffrn.ambient_temp_details   ? 
_diffrn.crystal_id             1 
# 
_diffrn_detector.diffrn_id              1 
_diffrn_detector.detector               CCD 
_diffrn_detector.type                   'ADSC QUANTUM 210' 
_diffrn_detector.pdbx_collection_date   2009-01-01 
_diffrn_detector.details                ? 
# 
_diffrn_radiation.diffrn_id                        1 
_diffrn_radiation.wavelength_id                    1 
_diffrn_radiation.pdbx_monochromatic_or_laue_m_l   M 
_diffrn_radiation.monochromator                    ? 
_diffrn_radiation.pdbx_diffrn_protocol             'SINGLE WAVELENGTH' 
_diffrn_radiation.pdbx_scattering_type             x-ray 
# 
_diffrn_radiation_wavelength.id           1 
_diffrn_radiation_wavelength.wavelength   0.9334 
_diffrn_radiation_wavelength.wt           1.0 
# 
_diffrn_source.diffrn_id                   1 
_diffrn_source.source                      SYNCHROTRON 
_diffrn_source.type                        'ESRF BEAMLINE ID14-1' 
_diffrn_source.pdbx_synchrotron_site       ESRF 
_diffrn_source.pdbx_synchrotron_beamline   ID14-1 
_diffrn_source.pdbx_wavelength             ? 
_diffrn_source.pdbx_wavelength_list        0.9334 
# 
_reflns.entry_id                     4KRW 
_reflns.observed_criterion_sigma_I   1.0 
_reflns.observed_criterion_sigma_F   1.0 
_reflns.d_resolution_low             35.63 
_reflns.d_resolution_high            2.01 
_reflns.number_obs                   ? 
_reflns.number_all                   7303 
_reflns.percent_possible_obs         98.4 
_reflns.pdbx_Rmerge_I_obs            ? 
_reflns.pdbx_Rsym_value              ? 
_reflns.pdbx_netI_over_sigmaI        ? 
_reflns.B_iso_Wilson_estimate        ? 
_reflns.pdbx_redundancy              ? 
_reflns.R_free_details               ? 
_reflns.limit_h_max                  ? 
_reflns.limit_h_min                  ? 
_reflns.limit_k_max                  ? 
_reflns.limit_k_min                  ? 
_reflns.limit_l_max                  ? 
_reflns.limit_l_min                  ? 
_reflns.observed_criterion_F_max     ? 
_reflns.observed_criterion_F_min     ? 
_reflns.pdbx_chi_squared             ? 
_reflns.pdbx_scaling_rejects         ? 
_reflns.pdbx_ordinal                 1 
_reflns.pdbx_diffrn_id               1 
# 
_refine.entry_id                                 4KRW 
_refine.ls_number_reflns_obs                     4358 
_refine.ls_number_reflns_all                     ? 
_refine.pdbx_ls_sigma_I                          ? 
_refine.pdbx_ls_sigma_F                          . 
_refine.pdbx_data_cutoff_high_absF               ? 
_refine.pdbx_data_cutoff_low_absF                ? 
_refine.pdbx_data_cutoff_high_rms_absF           ? 
_refine.ls_d_res_low                             35.63 
_refine.ls_d_res_high                            2.01 
_refine.ls_percent_reflns_obs                    99.69 
_refine.ls_R_factor_obs                          0.22720 
_refine.ls_R_factor_all                          ? 
_refine.ls_R_factor_R_work                       0.21752 
_refine.ls_R_factor_R_free                       0.31444 
_refine.ls_R_factor_R_free_error                 ? 
_refine.ls_R_factor_R_free_error_details         ? 
_refine.ls_percent_reflns_R_free                 10.3 
_refine.ls_number_reflns_R_free                  499 
_refine.ls_number_parameters                     ? 
_refine.ls_number_restraints                     ? 
_refine.occupancy_min                            ? 
_refine.occupancy_max                            ? 
_refine.correlation_coeff_Fo_to_Fc               0.941 
_refine.correlation_coeff_Fo_to_Fc_free          0.866 
_refine.B_iso_mean                               35.261 
_refine.aniso_B[1][1]                            0.03 
_refine.aniso_B[2][2]                            0.03 
_refine.aniso_B[3][3]                            -0.09 
_refine.aniso_B[1][2]                            0.03 
_refine.aniso_B[1][3]                            0.00 
_refine.aniso_B[2][3]                            0.00 
_refine.solvent_model_details                    MASK 
_refine.solvent_model_param_ksol                 ? 
_refine.solvent_model_param_bsol                 ? 
_refine.pdbx_solvent_vdw_probe_radii             1.20 
_refine.pdbx_solvent_ion_probe_radii             0.80 
_refine.pdbx_solvent_shrinkage_radii             0.80 
_refine.pdbx_ls_cross_valid_method               THROUGHOUT 
_refine.details                                  ? 
_refine.pdbx_starting_model                      ? 
_refine.pdbx_method_to_determine_struct          'MOLECULAR REPLACEMENT' 
_refine.pdbx_isotropic_thermal_model             ? 
_refine.pdbx_stereochemistry_target_values       'MAXIMUM LIKELIHOOD' 
_refine.pdbx_stereochem_target_val_spec_case     ? 
_refine.pdbx_R_Free_selection_details            RANDOM 
_refine.pdbx_overall_ESU_R                       0.236 
_refine.pdbx_overall_ESU_R_Free                  0.236 
_refine.overall_SU_ML                            0.161 
_refine.pdbx_overall_phase_error                 ? 
_refine.overall_SU_B                             5.743 
_refine.overall_SU_R_Cruickshank_DPI             ? 
_refine.ls_redundancy_reflns_obs                 ? 
_refine.B_iso_min                                ? 
_refine.B_iso_max                                ? 
_refine.overall_SU_R_free                        ? 
_refine.ls_wR_factor_R_free                      ? 
_refine.ls_wR_factor_R_work                      ? 
_refine.overall_FOM_free_R_set                   ? 
_refine.overall_FOM_work_R_set                   ? 
_refine.pdbx_diffrn_id                           1 
_refine.pdbx_refine_id                           'X-RAY DIFFRACTION' 
_refine.pdbx_TLS_residual_ADP_flag               ? 
_refine.pdbx_overall_SU_R_free_Cruickshank_DPI   ? 
_refine.pdbx_overall_SU_R_Blow_DPI               ? 
_refine.pdbx_overall_SU_R_free_Blow_DPI          ? 
# 
_refine_hist.pdbx_refine_id                   'X-RAY DIFFRACTION' 
_refine_hist.cycle_id                         LAST 
_refine_hist.pdbx_number_atoms_protein        520 
_refine_hist.pdbx_number_atoms_nucleic_acid   0 
_refine_hist.pdbx_number_atoms_ligand         2 
_refine_hist.number_atoms_solvent             33 
_refine_hist.number_atoms_total               555 
_refine_hist.d_res_high                       2.01 
_refine_hist.d_res_low                        35.63 
# 
loop_
_refine_ls_restr.type 
_refine_ls_restr.dev_ideal 
_refine_ls_restr.dev_ideal_target 
_refine_ls_restr.weight 
_refine_ls_restr.number 
_refine_ls_restr.pdbx_restraint_function 
_refine_ls_restr.pdbx_refine_id 
r_bond_refined_d             0.016  0.019  ? 533 ? 'X-RAY DIFFRACTION' 
r_bond_other_d               ?      ?      ? ?   ? 'X-RAY DIFFRACTION' 
r_angle_refined_deg          2.126  2.020  ? 716 ? 'X-RAY DIFFRACTION' 
r_angle_other_deg            ?      ?      ? ?   ? 'X-RAY DIFFRACTION' 
r_dihedral_angle_1_deg       6.360  5.000  ? 68  ? 'X-RAY DIFFRACTION' 
r_dihedral_angle_2_deg       33.401 21.667 ? 24  ? 'X-RAY DIFFRACTION' 
r_dihedral_angle_3_deg       22.159 15.000 ? 107 ? 'X-RAY DIFFRACTION' 
r_dihedral_angle_4_deg       16.666 15.000 ? 9   ? 'X-RAY DIFFRACTION' 
r_chiral_restr               0.160  0.200  ? 84  ? 'X-RAY DIFFRACTION' 
r_gen_planes_refined         0.008  0.021  ? 392 ? 'X-RAY DIFFRACTION' 
r_gen_planes_other           ?      ?      ? ?   ? 'X-RAY DIFFRACTION' 
r_nbd_refined                ?      ?      ? ?   ? 'X-RAY DIFFRACTION' 
r_nbd_other                  ?      ?      ? ?   ? 'X-RAY DIFFRACTION' 
r_nbtor_refined              ?      ?      ? ?   ? 'X-RAY DIFFRACTION' 
r_nbtor_other                ?      ?      ? ?   ? 'X-RAY DIFFRACTION' 
r_xyhbond_nbd_refined        ?      ?      ? ?   ? 'X-RAY DIFFRACTION' 
r_xyhbond_nbd_other          ?      ?      ? ?   ? 'X-RAY DIFFRACTION' 
r_metal_ion_refined          ?      ?      ? ?   ? 'X-RAY DIFFRACTION' 
r_metal_ion_other            ?      ?      ? ?   ? 'X-RAY DIFFRACTION' 
r_symmetry_vdw_refined       ?      ?      ? ?   ? 'X-RAY DIFFRACTION' 
r_symmetry_vdw_other         ?      ?      ? ?   ? 'X-RAY DIFFRACTION' 
r_symmetry_hbond_refined     ?      ?      ? ?   ? 'X-RAY DIFFRACTION' 
r_symmetry_hbond_other       ?      ?      ? ?   ? 'X-RAY DIFFRACTION' 
r_symmetry_metal_ion_refined ?      ?      ? ?   ? 'X-RAY DIFFRACTION' 
r_symmetry_metal_ion_other   ?      ?      ? ?   ? 'X-RAY DIFFRACTION' 
r_mcbond_it                  ?      ?      ? ?   ? 'X-RAY DIFFRACTION' 
r_mcbond_other               ?      ?      ? ?   ? 'X-RAY DIFFRACTION' 
r_mcangle_it                 ?      ?      ? ?   ? 'X-RAY DIFFRACTION' 
r_scbond_it                  ?      ?      ? ?   ? 'X-RAY DIFFRACTION' 
r_scangle_it                 ?      ?      ? ?   ? 'X-RAY DIFFRACTION' 
r_rigid_bond_restr           ?      ?      ? ?   ? 'X-RAY DIFFRACTION' 
r_sphericity_free            ?      ?      ? ?   ? 'X-RAY DIFFRACTION' 
r_sphericity_bonded          ?      ?      ? ?   ? 'X-RAY DIFFRACTION' 
# 
_refine_ls_shell.pdbx_total_number_of_bins_used   20 
_refine_ls_shell.d_res_high                       2.010 
_refine_ls_shell.d_res_low                        2.062 
_refine_ls_shell.number_reflns_R_work             335 
_refine_ls_shell.R_factor_R_work                  0.246 
_refine_ls_shell.percent_reflns_obs               99.73 
_refine_ls_shell.R_factor_R_free                  0.278 
_refine_ls_shell.R_factor_R_free_error            ? 
_refine_ls_shell.percent_reflns_R_free            ? 
_refine_ls_shell.number_reflns_R_free             37 
_refine_ls_shell.number_reflns_all                ? 
_refine_ls_shell.R_factor_all                     ? 
_refine_ls_shell.number_reflns_obs                ? 
_refine_ls_shell.redundancy_reflns_obs            ? 
_refine_ls_shell.pdbx_refine_id                   'X-RAY DIFFRACTION' 
# 
_struct.entry_id                  4KRW 
_struct.title                     
'Novel re-arrangement of an RsmA/cSRa family protein to create a structurally distinct new RNA-binding family member' 
_struct.pdbx_model_details        ? 
_struct.pdbx_CASP_flag            ? 
_struct.pdbx_model_type_details   ? 
# 
_struct_keywords.entry_id        4KRW 
_struct_keywords.pdbx_keywords   'RNA BINDING PROTEIN' 
_struct_keywords.text            'BETA-BARREL, POST-TRANSCRIPTIONAL REGULATION, RNA, RNA BINDING PROTEIN' 
# 
loop_
_struct_asym.id 
_struct_asym.pdbx_blank_PDB_chainid_flag 
_struct_asym.pdbx_modified 
_struct_asym.entity_id 
_struct_asym.details 
A N N 1 ? 
B N N 2 ? 
C N N 2 ? 
D N N 3 ? 
# 
_struct_ref.id                         1 
_struct_ref.db_name                    UNP 
_struct_ref.db_code                    Q02EI1_PSEAB 
_struct_ref.pdbx_db_accession          Q02EI1 
_struct_ref.entity_id                  1 
_struct_ref.pdbx_seq_one_letter_code   MGFLILSRREGEGITLSLKADYPAEELIRQLREGGIRILVTDIIGNQARVGIEAPRGVLIVRDELKTAPKG 
_struct_ref.pdbx_align_begin           1 
_struct_ref.pdbx_db_isoform            ? 
# 
_struct_ref_seq.align_id                      1 
_struct_ref_seq.ref_id                        1 
_struct_ref_seq.pdbx_PDB_id_code              4KRW 
_struct_ref_seq.pdbx_strand_id                A 
_struct_ref_seq.seq_align_beg                 9 
_struct_ref_seq.pdbx_seq_align_beg_ins_code   ? 
_struct_ref_seq.seq_align_end                 79 
_struct_ref_seq.pdbx_seq_align_end_ins_code   ? 
_struct_ref_seq.pdbx_db_accession             Q02EI1 
_struct_ref_seq.db_align_beg                  1 
_struct_ref_seq.pdbx_db_align_beg_ins_code    ? 
_struct_ref_seq.db_align_end                  71 
_struct_ref_seq.pdbx_db_align_end_ins_code    ? 
_struct_ref_seq.pdbx_auth_seq_align_beg       1 
_struct_ref_seq.pdbx_auth_seq_align_end       71 
# 
loop_
_struct_ref_seq_dif.align_id 
_struct_ref_seq_dif.pdbx_pdb_id_code 
_struct_ref_seq_dif.mon_id 
_struct_ref_seq_dif.pdbx_pdb_strand_id 
_struct_ref_seq_dif.seq_num 
_struct_ref_seq_dif.pdbx_pdb_ins_code 
_struct_ref_seq_dif.pdbx_seq_db_name 
_struct_ref_seq_dif.pdbx_seq_db_accession_code 
_struct_ref_seq_dif.db_mon_id 
_struct_ref_seq_dif.pdbx_seq_db_seq_num 
_struct_ref_seq_dif.details 
_struct_ref_seq_dif.pdbx_auth_seq_num 
_struct_ref_seq_dif.pdbx_ordinal 
1 4KRW HIS A 1 ? UNP Q02EI1 ? ? 'expression tag' -7 1 
1 4KRW HIS A 2 ? UNP Q02EI1 ? ? 'expression tag' -6 2 
1 4KRW HIS A 3 ? UNP Q02EI1 ? ? 'expression tag' -5 3 
1 4KRW HIS A 4 ? UNP Q02EI1 ? ? 'expression tag' -4 4 
1 4KRW HIS A 5 ? UNP Q02EI1 ? ? 'expression tag' -3 5 
1 4KRW HIS A 6 ? UNP Q02EI1 ? ? 'expression tag' -2 6 
1 4KRW GLY A 7 ? UNP Q02EI1 ? ? 'expression tag' -1 7 
1 4KRW SER A 8 ? UNP Q02EI1 ? ? 'expression tag' 0  8 
# 
_pdbx_struct_assembly.id                   1 
_pdbx_struct_assembly.details              author_and_software_defined_assembly 
_pdbx_struct_assembly.method_details       PISA 
_pdbx_struct_assembly.oligomeric_details   dimeric 
_pdbx_struct_assembly.oligomeric_count     2 
# 
loop_
_pdbx_struct_assembly_prop.biol_id 
_pdbx_struct_assembly_prop.type 
_pdbx_struct_assembly_prop.value 
_pdbx_struct_assembly_prop.details 
1 'ABSA (A^2)' 2800 ? 
1 MORE         -14  ? 
1 'SSA (A^2)'  7530 ? 
# 
_pdbx_struct_assembly_gen.assembly_id       1 
_pdbx_struct_assembly_gen.oper_expression   1,2 
_pdbx_struct_assembly_gen.asym_id_list      A,B,C,D 
# 
loop_
_pdbx_struct_oper_list.id 
_pdbx_struct_oper_list.type 
_pdbx_struct_oper_list.name 
_pdbx_struct_oper_list.symmetry_operation 
_pdbx_struct_oper_list.matrix[1][1] 
_pdbx_struct_oper_list.matrix[1][2] 
_pdbx_struct_oper_list.matrix[1][3] 
_pdbx_struct_oper_list.vector[1] 
_pdbx_struct_oper_list.matrix[2][1] 
_pdbx_struct_oper_list.matrix[2][2] 
_pdbx_struct_oper_list.matrix[2][3] 
_pdbx_struct_oper_list.vector[2] 
_pdbx_struct_oper_list.matrix[3][1] 
_pdbx_struct_oper_list.matrix[3][2] 
_pdbx_struct_oper_list.matrix[3][3] 
_pdbx_struct_oper_list.vector[3] 
1 'identity operation'         1_555 x,y,z           1.0000000000 0.0000000000 0.0000000000  0.0000000000  0.0000000000 1.0000000000  0.0000000000  0.0000000000  0.0000000000  0.0000000000  1.0000000000  0.0000000000  
2 'crystal symmetry operation' 5_655 -x+y+1,y,-z+1/3 0.0876222289 0.4874772315 -0.8687279745 -1.9302841815 0.4874772315 -0.7815104869 -0.3893678308 -7.8120577640 -0.8687279745 -0.3893678308 -0.3061117421 -6.8003108550 
# 
_struct_biol.id        1 
_struct_biol.details   ? 
# 
_struct_conf.conf_type_id            HELX_P 
_struct_conf.id                      HELX_P1 
_struct_conf.pdbx_PDB_helix_id       1 
_struct_conf.beg_label_comp_id       PRO 
_struct_conf.beg_label_asym_id       A 
_struct_conf.beg_label_seq_id        31 
_struct_conf.pdbx_beg_PDB_ins_code   ? 
_struct_conf.end_label_comp_id       GLY 
_struct_conf.end_label_asym_id       A 
_struct_conf.end_label_seq_id        42 
_struct_conf.pdbx_end_PDB_ins_code   ? 
_struct_conf.beg_auth_comp_id        PRO 
_struct_conf.beg_auth_asym_id        A 
_struct_conf.beg_auth_seq_id         23 
_struct_conf.end_auth_comp_id        GLY 
_struct_conf.end_auth_asym_id        A 
_struct_conf.end_auth_seq_id         34 
_struct_conf.pdbx_PDB_helix_class    1 
_struct_conf.details                 ? 
_struct_conf.pdbx_PDB_helix_length   12 
# 
_struct_conf_type.id          HELX_P 
_struct_conf_type.criteria    ? 
_struct_conf_type.reference   ? 
# 
loop_
_struct_sheet.id 
_struct_sheet.type 
_struct_sheet.number_strands 
_struct_sheet.details 
A ? 3 ? 
B ? 2 ? 
# 
loop_
_struct_sheet_order.sheet_id 
_struct_sheet_order.range_id_1 
_struct_sheet_order.range_id_2 
_struct_sheet_order.offset 
_struct_sheet_order.sense 
A 1 2 ? anti-parallel 
A 2 3 ? anti-parallel 
B 1 2 ? anti-parallel 
# 
loop_
_struct_sheet_range.sheet_id 
_struct_sheet_range.id 
_struct_sheet_range.beg_label_comp_id 
_struct_sheet_range.beg_label_asym_id 
_struct_sheet_range.beg_label_seq_id 
_struct_sheet_range.pdbx_beg_PDB_ins_code 
_struct_sheet_range.end_label_comp_id 
_struct_sheet_range.end_label_asym_id 
_struct_sheet_range.end_label_seq_id 
_struct_sheet_range.pdbx_end_PDB_ins_code 
_struct_sheet_range.beg_auth_comp_id 
_struct_sheet_range.beg_auth_asym_id 
_struct_sheet_range.beg_auth_seq_id 
_struct_sheet_range.end_auth_comp_id 
_struct_sheet_range.end_auth_asym_id 
_struct_sheet_range.end_auth_seq_id 
A 1 MET A 9  ? ARG A 16 ? MET A 1  ARG A 8  
A 2 GLN A 55 ? PRO A 63 ? GLN A 47 PRO A 55 
A 3 ARG A 45 ? ILE A 52 ? ARG A 37 ILE A 44 
B 1 ILE A 22 ? LEU A 26 ? ILE A 14 LEU A 18 
B 2 VAL A 66 ? ARG A 70 ? VAL A 58 ARG A 62 
# 
loop_
_pdbx_struct_sheet_hbond.sheet_id 
_pdbx_struct_sheet_hbond.range_id_1 
_pdbx_struct_sheet_hbond.range_id_2 
_pdbx_struct_sheet_hbond.range_1_label_atom_id 
_pdbx_struct_sheet_hbond.range_1_label_comp_id 
_pdbx_struct_sheet_hbond.range_1_label_asym_id 
_pdbx_struct_sheet_hbond.range_1_label_seq_id 
_pdbx_struct_sheet_hbond.range_1_PDB_ins_code 
_pdbx_struct_sheet_hbond.range_1_auth_atom_id 
_pdbx_struct_sheet_hbond.range_1_auth_comp_id 
_pdbx_struct_sheet_hbond.range_1_auth_asym_id 
_pdbx_struct_sheet_hbond.range_1_auth_seq_id 
_pdbx_struct_sheet_hbond.range_2_label_atom_id 
_pdbx_struct_sheet_hbond.range_2_label_comp_id 
_pdbx_struct_sheet_hbond.range_2_label_asym_id 
_pdbx_struct_sheet_hbond.range_2_label_seq_id 
_pdbx_struct_sheet_hbond.range_2_PDB_ins_code 
_pdbx_struct_sheet_hbond.range_2_auth_atom_id 
_pdbx_struct_sheet_hbond.range_2_auth_comp_id 
_pdbx_struct_sheet_hbond.range_2_auth_asym_id 
_pdbx_struct_sheet_hbond.range_2_auth_seq_id 
A 1 2 N ARG A 16 ? N ARG A 8  O ALA A 56 ? O ALA A 48 
A 2 3 O GLY A 59 ? O GLY A 51 N LEU A 47 ? N LEU A 39 
B 1 2 N THR A 23 ? N THR A 15 O VAL A 69 ? O VAL A 61 
# 
_struct_site.id                   AC1 
_struct_site.pdbx_evidence_code   Software 
_struct_site.pdbx_auth_asym_id    A 
_struct_site.pdbx_auth_comp_id    IOD 
_struct_site.pdbx_auth_seq_id     201 
_struct_site.pdbx_auth_ins_code   ? 
_struct_site.pdbx_num_residues    2 
_struct_site.details              'BINDING SITE FOR RESIDUE IOD A 201' 
# 
loop_
_struct_site_gen.id 
_struct_site_gen.site_id 
_struct_site_gen.pdbx_num_res 
_struct_site_gen.label_comp_id 
_struct_site_gen.label_asym_id 
_struct_site_gen.label_seq_id 
_struct_site_gen.pdbx_auth_ins_code 
_struct_site_gen.auth_comp_id 
_struct_site_gen.auth_asym_id 
_struct_site_gen.auth_seq_id 
_struct_site_gen.label_atom_id 
_struct_site_gen.label_alt_id 
_struct_site_gen.symmetry 
_struct_site_gen.details 
1 AC1 2 ARG A 70 ? ARG A 62 . ? 1_555 ? 
2 AC1 2 ARG A 70 ? ARG A 62 . ? 6_545 ? 
# 
loop_
_pdbx_unobs_or_zero_occ_residues.id 
_pdbx_unobs_or_zero_occ_residues.PDB_model_num 
_pdbx_unobs_or_zero_occ_residues.polymer_flag 
_pdbx_unobs_or_zero_occ_residues.occupancy_flag 
_pdbx_unobs_or_zero_occ_residues.auth_asym_id 
_pdbx_unobs_or_zero_occ_residues.auth_comp_id 
_pdbx_unobs_or_zero_occ_residues.auth_seq_id 
_pdbx_unobs_or_zero_occ_residues.PDB_ins_code 
_pdbx_unobs_or_zero_occ_residues.label_asym_id 
_pdbx_unobs_or_zero_occ_residues.label_comp_id 
_pdbx_unobs_or_zero_occ_residues.label_seq_id 
1  1 Y 1 A HIS -7 ? A HIS 1  
2  1 Y 1 A HIS -6 ? A HIS 2  
3  1 Y 1 A HIS -5 ? A HIS 3  
4  1 Y 1 A HIS -4 ? A HIS 4  
5  1 Y 1 A HIS -3 ? A HIS 5  
6  1 Y 1 A HIS -2 ? A HIS 6  
7  1 Y 1 A GLY -1 ? A GLY 7  
8  1 Y 1 A THR 67 ? A THR 75 
9  1 Y 1 A ALA 68 ? A ALA 76 
10 1 Y 1 A PRO 69 ? A PRO 77 
11 1 Y 1 A LYS 70 ? A LYS 78 
12 1 Y 1 A GLY 71 ? A GLY 79 
# 
loop_
_chem_comp_atom.comp_id 
_chem_comp_atom.atom_id 
_chem_comp_atom.type_symbol 
_chem_comp_atom.pdbx_aromatic_flag 
_chem_comp_atom.pdbx_stereo_config 
_chem_comp_atom.pdbx_ordinal 
ALA N    N N N 1   
ALA CA   C N S 2   
ALA C    C N N 3   
ALA O    O N N 4   
ALA CB   C N N 5   
ALA OXT  O N N 6   
ALA H    H N N 7   
ALA H2   H N N 8   
ALA HA   H N N 9   
ALA HB1  H N N 10  
ALA HB2  H N N 11  
ALA HB3  H N N 12  
ALA HXT  H N N 13  
ARG N    N N N 14  
ARG CA   C N S 15  
ARG C    C N N 16  
ARG O    O N N 17  
ARG CB   C N N 18  
ARG CG   C N N 19  
ARG CD   C N N 20  
ARG NE   N N N 21  
ARG CZ   C N N 22  
ARG NH1  N N N 23  
ARG NH2  N N N 24  
ARG OXT  O N N 25  
ARG H    H N N 26  
ARG H2   H N N 27  
ARG HA   H N N 28  
ARG HB2  H N N 29  
ARG HB3  H N N 30  
ARG HG2  H N N 31  
ARG HG3  H N N 32  
ARG HD2  H N N 33  
ARG HD3  H N N 34  
ARG HE   H N N 35  
ARG HH11 H N N 36  
ARG HH12 H N N 37  
ARG HH21 H N N 38  
ARG HH22 H N N 39  
ARG HXT  H N N 40  
ASN N    N N N 41  
ASN CA   C N S 42  
ASN C    C N N 43  
ASN O    O N N 44  
ASN CB   C N N 45  
ASN CG   C N N 46  
ASN OD1  O N N 47  
ASN ND2  N N N 48  
ASN OXT  O N N 49  
ASN H    H N N 50  
ASN H2   H N N 51  
ASN HA   H N N 52  
ASN HB2  H N N 53  
ASN HB3  H N N 54  
ASN HD21 H N N 55  
ASN HD22 H N N 56  
ASN HXT  H N N 57  
ASP N    N N N 58  
ASP CA   C N S 59  
ASP C    C N N 60  
ASP O    O N N 61  
ASP CB   C N N 62  
ASP CG   C N N 63  
ASP OD1  O N N 64  
ASP OD2  O N N 65  
ASP OXT  O N N 66  
ASP H    H N N 67  
ASP H2   H N N 68  
ASP HA   H N N 69  
ASP HB2  H N N 70  
ASP HB3  H N N 71  
ASP HD2  H N N 72  
ASP HXT  H N N 73  
GLN N    N N N 74  
GLN CA   C N S 75  
GLN C    C N N 76  
GLN O    O N N 77  
GLN CB   C N N 78  
GLN CG   C N N 79  
GLN CD   C N N 80  
GLN OE1  O N N 81  
GLN NE2  N N N 82  
GLN OXT  O N N 83  
GLN H    H N N 84  
GLN H2   H N N 85  
GLN HA   H N N 86  
GLN HB2  H N N 87  
GLN HB3  H N N 88  
GLN HG2  H N N 89  
GLN HG3  H N N 90  
GLN HE21 H N N 91  
GLN HE22 H N N 92  
GLN HXT  H N N 93  
GLU N    N N N 94  
GLU CA   C N S 95  
GLU C    C N N 96  
GLU O    O N N 97  
GLU CB   C N N 98  
GLU CG   C N N 99  
GLU CD   C N N 100 
GLU OE1  O N N 101 
GLU OE2  O N N 102 
GLU OXT  O N N 103 
GLU H    H N N 104 
GLU H2   H N N 105 
GLU HA   H N N 106 
GLU HB2  H N N 107 
GLU HB3  H N N 108 
GLU HG2  H N N 109 
GLU HG3  H N N 110 
GLU HE2  H N N 111 
GLU HXT  H N N 112 
GLY N    N N N 113 
GLY CA   C N N 114 
GLY C    C N N 115 
GLY O    O N N 116 
GLY OXT  O N N 117 
GLY H    H N N 118 
GLY H2   H N N 119 
GLY HA2  H N N 120 
GLY HA3  H N N 121 
GLY HXT  H N N 122 
HIS N    N N N 123 
HIS CA   C N S 124 
HIS C    C N N 125 
HIS O    O N N 126 
HIS CB   C N N 127 
HIS CG   C Y N 128 
HIS ND1  N Y N 129 
HIS CD2  C Y N 130 
HIS CE1  C Y N 131 
HIS NE2  N Y N 132 
HIS OXT  O N N 133 
HIS H    H N N 134 
HIS H2   H N N 135 
HIS HA   H N N 136 
HIS HB2  H N N 137 
HIS HB3  H N N 138 
HIS HD1  H N N 139 
HIS HD2  H N N 140 
HIS HE1  H N N 141 
HIS HE2  H N N 142 
HIS HXT  H N N 143 
HOH O    O N N 144 
HOH H1   H N N 145 
HOH H2   H N N 146 
ILE N    N N N 147 
ILE CA   C N S 148 
ILE C    C N N 149 
ILE O    O N N 150 
ILE CB   C N S 151 
ILE CG1  C N N 152 
ILE CG2  C N N 153 
ILE CD1  C N N 154 
ILE OXT  O N N 155 
ILE H    H N N 156 
ILE H2   H N N 157 
ILE HA   H N N 158 
ILE HB   H N N 159 
ILE HG12 H N N 160 
ILE HG13 H N N 161 
ILE HG21 H N N 162 
ILE HG22 H N N 163 
ILE HG23 H N N 164 
ILE HD11 H N N 165 
ILE HD12 H N N 166 
ILE HD13 H N N 167 
ILE HXT  H N N 168 
IOD I    I N N 169 
LEU N    N N N 170 
LEU CA   C N S 171 
LEU C    C N N 172 
LEU O    O N N 173 
LEU CB   C N N 174 
LEU CG   C N N 175 
LEU CD1  C N N 176 
LEU CD2  C N N 177 
LEU OXT  O N N 178 
LEU H    H N N 179 
LEU H2   H N N 180 
LEU HA   H N N 181 
LEU HB2  H N N 182 
LEU HB3  H N N 183 
LEU HG   H N N 184 
LEU HD11 H N N 185 
LEU HD12 H N N 186 
LEU HD13 H N N 187 
LEU HD21 H N N 188 
LEU HD22 H N N 189 
LEU HD23 H N N 190 
LEU HXT  H N N 191 
LYS N    N N N 192 
LYS CA   C N S 193 
LYS C    C N N 194 
LYS O    O N N 195 
LYS CB   C N N 196 
LYS CG   C N N 197 
LYS CD   C N N 198 
LYS CE   C N N 199 
LYS NZ   N N N 200 
LYS OXT  O N N 201 
LYS H    H N N 202 
LYS H2   H N N 203 
LYS HA   H N N 204 
LYS HB2  H N N 205 
LYS HB3  H N N 206 
LYS HG2  H N N 207 
LYS HG3  H N N 208 
LYS HD2  H N N 209 
LYS HD3  H N N 210 
LYS HE2  H N N 211 
LYS HE3  H N N 212 
LYS HZ1  H N N 213 
LYS HZ2  H N N 214 
LYS HZ3  H N N 215 
LYS HXT  H N N 216 
MET N    N N N 217 
MET CA   C N S 218 
MET C    C N N 219 
MET O    O N N 220 
MET CB   C N N 221 
MET CG   C N N 222 
MET SD   S N N 223 
MET CE   C N N 224 
MET OXT  O N N 225 
MET H    H N N 226 
MET H2   H N N 227 
MET HA   H N N 228 
MET HB2  H N N 229 
MET HB3  H N N 230 
MET HG2  H N N 231 
MET HG3  H N N 232 
MET HE1  H N N 233 
MET HE2  H N N 234 
MET HE3  H N N 235 
MET HXT  H N N 236 
PHE N    N N N 237 
PHE CA   C N S 238 
PHE C    C N N 239 
PHE O    O N N 240 
PHE CB   C N N 241 
PHE CG   C Y N 242 
PHE CD1  C Y N 243 
PHE CD2  C Y N 244 
PHE CE1  C Y N 245 
PHE CE2  C Y N 246 
PHE CZ   C Y N 247 
PHE OXT  O N N 248 
PHE H    H N N 249 
PHE H2   H N N 250 
PHE HA   H N N 251 
PHE HB2  H N N 252 
PHE HB3  H N N 253 
PHE HD1  H N N 254 
PHE HD2  H N N 255 
PHE HE1  H N N 256 
PHE HE2  H N N 257 
PHE HZ   H N N 258 
PHE HXT  H N N 259 
PRO N    N N N 260 
PRO CA   C N S 261 
PRO C    C N N 262 
PRO O    O N N 263 
PRO CB   C N N 264 
PRO CG   C N N 265 
PRO CD   C N N 266 
PRO OXT  O N N 267 
PRO H    H N N 268 
PRO HA   H N N 269 
PRO HB2  H N N 270 
PRO HB3  H N N 271 
PRO HG2  H N N 272 
PRO HG3  H N N 273 
PRO HD2  H N N 274 
PRO HD3  H N N 275 
PRO HXT  H N N 276 
SER N    N N N 277 
SER CA   C N S 278 
SER C    C N N 279 
SER O    O N N 280 
SER CB   C N N 281 
SER OG   O N N 282 
SER OXT  O N N 283 
SER H    H N N 284 
SER H2   H N N 285 
SER HA   H N N 286 
SER HB2  H N N 287 
SER HB3  H N N 288 
SER HG   H N N 289 
SER HXT  H N N 290 
THR N    N N N 291 
THR CA   C N S 292 
THR C    C N N 293 
THR O    O N N 294 
THR CB   C N R 295 
THR OG1  O N N 296 
THR CG2  C N N 297 
THR OXT  O N N 298 
THR H    H N N 299 
THR H2   H N N 300 
THR HA   H N N 301 
THR HB   H N N 302 
THR HG1  H N N 303 
THR HG21 H N N 304 
THR HG22 H N N 305 
THR HG23 H N N 306 
THR HXT  H N N 307 
TYR N    N N N 308 
TYR CA   C N S 309 
TYR C    C N N 310 
TYR O    O N N 311 
TYR CB   C N N 312 
TYR CG   C Y N 313 
TYR CD1  C Y N 314 
TYR CD2  C Y N 315 
TYR CE1  C Y N 316 
TYR CE2  C Y N 317 
TYR CZ   C Y N 318 
TYR OH   O N N 319 
TYR OXT  O N N 320 
TYR H    H N N 321 
TYR H2   H N N 322 
TYR HA   H N N 323 
TYR HB2  H N N 324 
TYR HB3  H N N 325 
TYR HD1  H N N 326 
TYR HD2  H N N 327 
TYR HE1  H N N 328 
TYR HE2  H N N 329 
TYR HH   H N N 330 
TYR HXT  H N N 331 
VAL N    N N N 332 
VAL CA   C N S 333 
VAL C    C N N 334 
VAL O    O N N 335 
VAL CB   C N N 336 
VAL CG1  C N N 337 
VAL CG2  C N N 338 
VAL OXT  O N N 339 
VAL H    H N N 340 
VAL H2   H N N 341 
VAL HA   H N N 342 
VAL HB   H N N 343 
VAL HG11 H N N 344 
VAL HG12 H N N 345 
VAL HG13 H N N 346 
VAL HG21 H N N 347 
VAL HG22 H N N 348 
VAL HG23 H N N 349 
VAL HXT  H N N 350 
# 
loop_
_chem_comp_bond.comp_id 
_chem_comp_bond.atom_id_1 
_chem_comp_bond.atom_id_2 
_chem_comp_bond.value_order 
_chem_comp_bond.pdbx_aromatic_flag 
_chem_comp_bond.pdbx_stereo_config 
_chem_comp_bond.pdbx_ordinal 
ALA N   CA   sing N N 1   
ALA N   H    sing N N 2   
ALA N   H2   sing N N 3   
ALA CA  C    sing N N 4   
ALA CA  CB   sing N N 5   
ALA CA  HA   sing N N 6   
ALA C   O    doub N N 7   
ALA C   OXT  sing N N 8   
ALA CB  HB1  sing N N 9   
ALA CB  HB2  sing N N 10  
ALA CB  HB3  sing N N 11  
ALA OXT HXT  sing N N 12  
ARG N   CA   sing N N 13  
ARG N   H    sing N N 14  
ARG N   H2   sing N N 15  
ARG CA  C    sing N N 16  
ARG CA  CB   sing N N 17  
ARG CA  HA   sing N N 18  
ARG C   O    doub N N 19  
ARG C   OXT  sing N N 20  
ARG CB  CG   sing N N 21  
ARG CB  HB2  sing N N 22  
ARG CB  HB3  sing N N 23  
ARG CG  CD   sing N N 24  
ARG CG  HG2  sing N N 25  
ARG CG  HG3  sing N N 26  
ARG CD  NE   sing N N 27  
ARG CD  HD2  sing N N 28  
ARG CD  HD3  sing N N 29  
ARG NE  CZ   sing N N 30  
ARG NE  HE   sing N N 31  
ARG CZ  NH1  sing N N 32  
ARG CZ  NH2  doub N N 33  
ARG NH1 HH11 sing N N 34  
ARG NH1 HH12 sing N N 35  
ARG NH2 HH21 sing N N 36  
ARG NH2 HH22 sing N N 37  
ARG OXT HXT  sing N N 38  
ASN N   CA   sing N N 39  
ASN N   H    sing N N 40  
ASN N   H2   sing N N 41  
ASN CA  C    sing N N 42  
ASN CA  CB   sing N N 43  
ASN CA  HA   sing N N 44  
ASN C   O    doub N N 45  
ASN C   OXT  sing N N 46  
ASN CB  CG   sing N N 47  
ASN CB  HB2  sing N N 48  
ASN CB  HB3  sing N N 49  
ASN CG  OD1  doub N N 50  
ASN CG  ND2  sing N N 51  
ASN ND2 HD21 sing N N 52  
ASN ND2 HD22 sing N N 53  
ASN OXT HXT  sing N N 54  
ASP N   CA   sing N N 55  
ASP N   H    sing N N 56  
ASP N   H2   sing N N 57  
ASP CA  C    sing N N 58  
ASP CA  CB   sing N N 59  
ASP CA  HA   sing N N 60  
ASP C   O    doub N N 61  
ASP C   OXT  sing N N 62  
ASP CB  CG   sing N N 63  
ASP CB  HB2  sing N N 64  
ASP CB  HB3  sing N N 65  
ASP CG  OD1  doub N N 66  
ASP CG  OD2  sing N N 67  
ASP OD2 HD2  sing N N 68  
ASP OXT HXT  sing N N 69  
GLN N   CA   sing N N 70  
GLN N   H    sing N N 71  
GLN N   H2   sing N N 72  
GLN CA  C    sing N N 73  
GLN CA  CB   sing N N 74  
GLN CA  HA   sing N N 75  
GLN C   O    doub N N 76  
GLN C   OXT  sing N N 77  
GLN CB  CG   sing N N 78  
GLN CB  HB2  sing N N 79  
GLN CB  HB3  sing N N 80  
GLN CG  CD   sing N N 81  
GLN CG  HG2  sing N N 82  
GLN CG  HG3  sing N N 83  
GLN CD  OE1  doub N N 84  
GLN CD  NE2  sing N N 85  
GLN NE2 HE21 sing N N 86  
GLN NE2 HE22 sing N N 87  
GLN OXT HXT  sing N N 88  
GLU N   CA   sing N N 89  
GLU N   H    sing N N 90  
GLU N   H2   sing N N 91  
GLU CA  C    sing N N 92  
GLU CA  CB   sing N N 93  
GLU CA  HA   sing N N 94  
GLU C   O    doub N N 95  
GLU C   OXT  sing N N 96  
GLU CB  CG   sing N N 97  
GLU CB  HB2  sing N N 98  
GLU CB  HB3  sing N N 99  
GLU CG  CD   sing N N 100 
GLU CG  HG2  sing N N 101 
GLU CG  HG3  sing N N 102 
GLU CD  OE1  doub N N 103 
GLU CD  OE2  sing N N 104 
GLU OE2 HE2  sing N N 105 
GLU OXT HXT  sing N N 106 
GLY N   CA   sing N N 107 
GLY N   H    sing N N 108 
GLY N   H2   sing N N 109 
GLY CA  C    sing N N 110 
GLY CA  HA2  sing N N 111 
GLY CA  HA3  sing N N 112 
GLY C   O    doub N N 113 
GLY C   OXT  sing N N 114 
GLY OXT HXT  sing N N 115 
HIS N   CA   sing N N 116 
HIS N   H    sing N N 117 
HIS N   H2   sing N N 118 
HIS CA  C    sing N N 119 
HIS CA  CB   sing N N 120 
HIS CA  HA   sing N N 121 
HIS C   O    doub N N 122 
HIS C   OXT  sing N N 123 
HIS CB  CG   sing N N 124 
HIS CB  HB2  sing N N 125 
HIS CB  HB3  sing N N 126 
HIS CG  ND1  sing Y N 127 
HIS CG  CD2  doub Y N 128 
HIS ND1 CE1  doub Y N 129 
HIS ND1 HD1  sing N N 130 
HIS CD2 NE2  sing Y N 131 
HIS CD2 HD2  sing N N 132 
HIS CE1 NE2  sing Y N 133 
HIS CE1 HE1  sing N N 134 
HIS NE2 HE2  sing N N 135 
HIS OXT HXT  sing N N 136 
HOH O   H1   sing N N 137 
HOH O   H2   sing N N 138 
ILE N   CA   sing N N 139 
ILE N   H    sing N N 140 
ILE N   H2   sing N N 141 
ILE CA  C    sing N N 142 
ILE CA  CB   sing N N 143 
ILE CA  HA   sing N N 144 
ILE C   O    doub N N 145 
ILE C   OXT  sing N N 146 
ILE CB  CG1  sing N N 147 
ILE CB  CG2  sing N N 148 
ILE CB  HB   sing N N 149 
ILE CG1 CD1  sing N N 150 
ILE CG1 HG12 sing N N 151 
ILE CG1 HG13 sing N N 152 
ILE CG2 HG21 sing N N 153 
ILE CG2 HG22 sing N N 154 
ILE CG2 HG23 sing N N 155 
ILE CD1 HD11 sing N N 156 
ILE CD1 HD12 sing N N 157 
ILE CD1 HD13 sing N N 158 
ILE OXT HXT  sing N N 159 
LEU N   CA   sing N N 160 
LEU N   H    sing N N 161 
LEU N   H2   sing N N 162 
LEU CA  C    sing N N 163 
LEU CA  CB   sing N N 164 
LEU CA  HA   sing N N 165 
LEU C   O    doub N N 166 
LEU C   OXT  sing N N 167 
LEU CB  CG   sing N N 168 
LEU CB  HB2  sing N N 169 
LEU CB  HB3  sing N N 170 
LEU CG  CD1  sing N N 171 
LEU CG  CD2  sing N N 172 
LEU CG  HG   sing N N 173 
LEU CD1 HD11 sing N N 174 
LEU CD1 HD12 sing N N 175 
LEU CD1 HD13 sing N N 176 
LEU CD2 HD21 sing N N 177 
LEU CD2 HD22 sing N N 178 
LEU CD2 HD23 sing N N 179 
LEU OXT HXT  sing N N 180 
LYS N   CA   sing N N 181 
LYS N   H    sing N N 182 
LYS N   H2   sing N N 183 
LYS CA  C    sing N N 184 
LYS CA  CB   sing N N 185 
LYS CA  HA   sing N N 186 
LYS C   O    doub N N 187 
LYS C   OXT  sing N N 188 
LYS CB  CG   sing N N 189 
LYS CB  HB2  sing N N 190 
LYS CB  HB3  sing N N 191 
LYS CG  CD   sing N N 192 
LYS CG  HG2  sing N N 193 
LYS CG  HG3  sing N N 194 
LYS CD  CE   sing N N 195 
LYS CD  HD2  sing N N 196 
LYS CD  HD3  sing N N 197 
LYS CE  NZ   sing N N 198 
LYS CE  HE2  sing N N 199 
LYS CE  HE3  sing N N 200 
LYS NZ  HZ1  sing N N 201 
LYS NZ  HZ2  sing N N 202 
LYS NZ  HZ3  sing N N 203 
LYS OXT HXT  sing N N 204 
MET N   CA   sing N N 205 
MET N   H    sing N N 206 
MET N   H2   sing N N 207 
MET CA  C    sing N N 208 
MET CA  CB   sing N N 209 
MET CA  HA   sing N N 210 
MET C   O    doub N N 211 
MET C   OXT  sing N N 212 
MET CB  CG   sing N N 213 
MET CB  HB2  sing N N 214 
MET CB  HB3  sing N N 215 
MET CG  SD   sing N N 216 
MET CG  HG2  sing N N 217 
MET CG  HG3  sing N N 218 
MET SD  CE   sing N N 219 
MET CE  HE1  sing N N 220 
MET CE  HE2  sing N N 221 
MET CE  HE3  sing N N 222 
MET OXT HXT  sing N N 223 
PHE N   CA   sing N N 224 
PHE N   H    sing N N 225 
PHE N   H2   sing N N 226 
PHE CA  C    sing N N 227 
PHE CA  CB   sing N N 228 
PHE CA  HA   sing N N 229 
PHE C   O    doub N N 230 
PHE C   OXT  sing N N 231 
PHE CB  CG   sing N N 232 
PHE CB  HB2  sing N N 233 
PHE CB  HB3  sing N N 234 
PHE CG  CD1  doub Y N 235 
PHE CG  CD2  sing Y N 236 
PHE CD1 CE1  sing Y N 237 
PHE CD1 HD1  sing N N 238 
PHE CD2 CE2  doub Y N 239 
PHE CD2 HD2  sing N N 240 
PHE CE1 CZ   doub Y N 241 
PHE CE1 HE1  sing N N 242 
PHE CE2 CZ   sing Y N 243 
PHE CE2 HE2  sing N N 244 
PHE CZ  HZ   sing N N 245 
PHE OXT HXT  sing N N 246 
PRO N   CA   sing N N 247 
PRO N   CD   sing N N 248 
PRO N   H    sing N N 249 
PRO CA  C    sing N N 250 
PRO CA  CB   sing N N 251 
PRO CA  HA   sing N N 252 
PRO C   O    doub N N 253 
PRO C   OXT  sing N N 254 
PRO CB  CG   sing N N 255 
PRO CB  HB2  sing N N 256 
PRO CB  HB3  sing N N 257 
PRO CG  CD   sing N N 258 
PRO CG  HG2  sing N N 259 
PRO CG  HG3  sing N N 260 
PRO CD  HD2  sing N N 261 
PRO CD  HD3  sing N N 262 
PRO OXT HXT  sing N N 263 
SER N   CA   sing N N 264 
SER N   H    sing N N 265 
SER N   H2   sing N N 266 
SER CA  C    sing N N 267 
SER CA  CB   sing N N 268 
SER CA  HA   sing N N 269 
SER C   O    doub N N 270 
SER C   OXT  sing N N 271 
SER CB  OG   sing N N 272 
SER CB  HB2  sing N N 273 
SER CB  HB3  sing N N 274 
SER OG  HG   sing N N 275 
SER OXT HXT  sing N N 276 
THR N   CA   sing N N 277 
THR N   H    sing N N 278 
THR N   H2   sing N N 279 
THR CA  C    sing N N 280 
THR CA  CB   sing N N 281 
THR CA  HA   sing N N 282 
THR C   O    doub N N 283 
THR C   OXT  sing N N 284 
THR CB  OG1  sing N N 285 
THR CB  CG2  sing N N 286 
THR CB  HB   sing N N 287 
THR OG1 HG1  sing N N 288 
THR CG2 HG21 sing N N 289 
THR CG2 HG22 sing N N 290 
THR CG2 HG23 sing N N 291 
THR OXT HXT  sing N N 292 
TYR N   CA   sing N N 293 
TYR N   H    sing N N 294 
TYR N   H2   sing N N 295 
TYR CA  C    sing N N 296 
TYR CA  CB   sing N N 297 
TYR CA  HA   sing N N 298 
TYR C   O    doub N N 299 
TYR C   OXT  sing N N 300 
TYR CB  CG   sing N N 301 
TYR CB  HB2  sing N N 302 
TYR CB  HB3  sing N N 303 
TYR CG  CD1  doub Y N 304 
TYR CG  CD2  sing Y N 305 
TYR CD1 CE1  sing Y N 306 
TYR CD1 HD1  sing N N 307 
TYR CD2 CE2  doub Y N 308 
TYR CD2 HD2  sing N N 309 
TYR CE1 CZ   doub Y N 310 
TYR CE1 HE1  sing N N 311 
TYR CE2 CZ   sing Y N 312 
TYR CE2 HE2  sing N N 313 
TYR CZ  OH   sing N N 314 
TYR OH  HH   sing N N 315 
TYR OXT HXT  sing N N 316 
VAL N   CA   sing N N 317 
VAL N   H    sing N N 318 
VAL N   H2   sing N N 319 
VAL CA  C    sing N N 320 
VAL CA  CB   sing N N 321 
VAL CA  HA   sing N N 322 
VAL C   O    doub N N 323 
VAL C   OXT  sing N N 324 
VAL CB  CG1  sing N N 325 
VAL CB  CG2  sing N N 326 
VAL CB  HB   sing N N 327 
VAL CG1 HG11 sing N N 328 
VAL CG1 HG12 sing N N 329 
VAL CG1 HG13 sing N N 330 
VAL CG2 HG21 sing N N 331 
VAL CG2 HG22 sing N N 332 
VAL CG2 HG23 sing N N 333 
VAL OXT HXT  sing N N 334 
# 
_atom_sites.entry_id                    4KRW 
_atom_sites.fract_transf_matrix[1][1]   -0.00496106 
_atom_sites.fract_transf_matrix[1][2]   0.02047433 
_atom_sites.fract_transf_matrix[1][3]   -0.01854989 
_atom_sites.fract_transf_matrix[2][1]   0.02069981 
_atom_sites.fract_transf_matrix[2][2]   0.00927775 
_atom_sites.fract_transf_matrix[2][3]   -0.01653378 
_atom_sites.fract_transf_matrix[3][1]   -0.00336246 
_atom_sites.fract_transf_matrix[3][2]   -0.00941565 
_atom_sites.fract_transf_matrix[3][3]   -0.00949319 
_atom_sites.fract_transf_vector[1]      0.446762 
_atom_sites.fract_transf_vector[2]      -0.130700 
_atom_sites.fract_transf_vector[3]      0.094360 
# 
loop_
_atom_type.symbol 
C 
I 
N 
O 
S 
# 
loop_
_atom_site.group_PDB 
_atom_site.id 
_atom_site.type_symbol 
_atom_site.label_atom_id 
_atom_site.label_alt_id 
_atom_site.label_comp_id 
_atom_site.label_asym_id 
_atom_site.label_entity_id 
_atom_site.label_seq_id 
_atom_site.pdbx_PDB_ins_code 
_atom_site.Cartn_x 
_atom_site.Cartn_y 
_atom_site.Cartn_z 
_atom_site.occupancy 
_atom_site.B_iso_or_equiv 
_atom_site.pdbx_formal_charge 
_atom_site.auth_seq_id 
_atom_site.auth_comp_id 
_atom_site.auth_asym_id 
_atom_site.auth_atom_id 
_atom_site.pdbx_PDB_model_num 
ATOM   1   N N   . SER A 1 8  ? 13.859  1.982   5.107   1.00 51.29 ? 0   SER A N   1 
ATOM   2   C CA  . SER A 1 8  ? 12.758  1.410   5.926   1.00 47.65 ? 0   SER A CA  1 
ATOM   3   C C   . SER A 1 8  ? 11.458  1.527   5.141   1.00 45.43 ? 0   SER A C   1 
ATOM   4   O O   . SER A 1 8  ? 11.416  2.068   4.024   1.00 46.97 ? 0   SER A O   1 
ATOM   5   C CB  . SER A 1 8  ? 12.651  2.127   7.281   1.00 52.18 ? 0   SER A CB  1 
ATOM   6   O OG  . SER A 1 8  ? 12.451  1.194   8.322   1.00 57.65 ? 0   SER A OG  1 
ATOM   7   N N   . MET A 1 9  ? 10.388  1.008   5.720   1.00 38.08 ? 1   MET A N   1 
ATOM   8   C CA  . MET A 1 9  ? 9.179   0.817   4.949   1.00 37.44 ? 1   MET A CA  1 
ATOM   9   C C   . MET A 1 9  ? 8.088   1.751   5.482   1.00 30.47 ? 1   MET A C   1 
ATOM   10  O O   . MET A 1 9  ? 8.111   2.109   6.655   1.00 31.85 ? 1   MET A O   1 
ATOM   11  C CB  . MET A 1 9  ? 8.764   -0.649  5.054   1.00 39.13 ? 1   MET A CB  1 
ATOM   12  C CG  . MET A 1 9  ? 8.350   -1.286  3.740   1.00 49.59 ? 1   MET A CG  1 
ATOM   13  S SD  . MET A 1 9  ? 9.661   -1.747  2.587   1.00 45.03 ? 1   MET A SD  1 
ATOM   14  C CE  . MET A 1 9  ? 8.669   -2.823  1.554   1.00 43.13 ? 1   MET A CE  1 
ATOM   15  N N   . GLY A 1 10 ? 7.185   2.162   4.599   1.00 27.10 ? 2   GLY A N   1 
ATOM   16  C CA  . GLY A 1 10 ? 5.923   2.776   4.977   1.00 26.46 ? 2   GLY A CA  1 
ATOM   17  C C   . GLY A 1 10 ? 4.916   1.675   5.268   1.00 26.34 ? 2   GLY A C   1 
ATOM   18  O O   . GLY A 1 10 ? 4.947   0.623   4.617   1.00 22.77 ? 2   GLY A O   1 
ATOM   19  N N   . PHE A 1 11 ? 4.010   1.947   6.228   1.00 26.64 ? 3   PHE A N   1 
ATOM   20  C CA  . PHE A 1 11 ? 3.029   0.994   6.740   1.00 27.76 ? 3   PHE A CA  1 
ATOM   21  C C   . PHE A 1 11 ? 1.714   1.687   6.881   1.00 28.81 ? 3   PHE A C   1 
ATOM   22  O O   . PHE A 1 11 ? 1.653   2.760   7.517   1.00 25.60 ? 3   PHE A O   1 
ATOM   23  C CB  . PHE A 1 11 ? 3.359   0.544   8.154   1.00 32.53 ? 3   PHE A CB  1 
ATOM   24  C CG  . PHE A 1 11 ? 4.535   -0.349  8.235   1.00 37.03 ? 3   PHE A CG  1 
ATOM   25  C CD1 . PHE A 1 11 ? 4.378   -1.717  8.127   1.00 41.06 ? 3   PHE A CD1 1 
ATOM   26  C CD2 . PHE A 1 11 ? 5.831   0.179   8.399   1.00 43.39 ? 3   PHE A CD2 1 
ATOM   27  C CE1 . PHE A 1 11 ? 5.505   -2.552  8.194   1.00 47.64 ? 3   PHE A CE1 1 
ATOM   28  C CE2 . PHE A 1 11 ? 6.948   -0.646  8.453   1.00 40.61 ? 3   PHE A CE2 1 
ATOM   29  C CZ  . PHE A 1 11 ? 6.783   -2.013  8.362   1.00 43.74 ? 3   PHE A CZ  1 
ATOM   30  N N   . LEU A 1 12 ? 0.657   1.104   6.299   1.00 22.79 ? 4   LEU A N   1 
ATOM   31  C CA  . LEU A 1 12 ? -0.641  1.686   6.456   1.00 25.67 ? 4   LEU A CA  1 
ATOM   32  C C   . LEU A 1 12 ? -1.585  0.511   6.680   1.00 25.34 ? 4   LEU A C   1 
ATOM   33  O O   . LEU A 1 12 ? -1.568  -0.432  5.870   1.00 24.96 ? 4   LEU A O   1 
ATOM   34  C CB  . LEU A 1 12 ? -1.004  2.481   5.177   1.00 29.04 ? 4   LEU A CB  1 
ATOM   35  C CG  . LEU A 1 12 ? -2.208  3.423   5.038   1.00 31.89 ? 4   LEU A CG  1 
ATOM   36  C CD1 . LEU A 1 12 ? -3.455  2.658   4.630   1.00 31.96 ? 4   LEU A CD1 1 
ATOM   37  C CD2 . LEU A 1 12 ? -2.500  4.269   6.272   1.00 35.67 ? 4   LEU A CD2 1 
ATOM   38  N N   . ILE A 1 13 ? -2.383  0.559   7.759   1.00 20.85 ? 5   ILE A N   1 
ATOM   39  C CA  . ILE A 1 13 ? -3.392  -0.472  8.024   1.00 19.97 ? 5   ILE A CA  1 
ATOM   40  C C   . ILE A 1 13 ? -4.705  0.324   8.058   1.00 21.77 ? 5   ILE A C   1 
ATOM   41  O O   . ILE A 1 13 ? -4.787  1.317   8.791   1.00 18.35 ? 5   ILE A O   1 
ATOM   42  C CB  . ILE A 1 13 ? -3.154  -1.193  9.357   1.00 20.71 ? 5   ILE A CB  1 
ATOM   43  C CG1 . ILE A 1 13 ? -1.749  -1.907  9.402   1.00 26.28 ? 5   ILE A CG1 1 
ATOM   44  C CG2 . ILE A 1 13 ? -4.272  -2.176  9.556   1.00 20.54 ? 5   ILE A CG2 1 
ATOM   45  C CD1 . ILE A 1 13 ? -1.208  -2.343  10.774  1.00 28.11 ? 5   ILE A CD1 1 
ATOM   46  N N   . LEU A 1 14 ? -5.702  -0.052  7.239   1.00 19.72 ? 6   LEU A N   1 
ATOM   47  C CA  . LEU A 1 14 ? -7.005  0.573   7.359   1.00 21.35 ? 6   LEU A CA  1 
ATOM   48  C C   . LEU A 1 14 ? -8.147  -0.403  7.337   1.00 22.31 ? 6   LEU A C   1 
ATOM   49  O O   . LEU A 1 14 ? -8.111  -1.434  6.630   1.00 22.38 ? 6   LEU A O   1 
ATOM   50  C CB  . LEU A 1 14 ? -7.215  1.640   6.304   1.00 26.62 ? 6   LEU A CB  1 
ATOM   51  C CG  . LEU A 1 14 ? -7.491  1.155   4.893   1.00 25.90 ? 6   LEU A CG  1 
ATOM   52  C CD1 . LEU A 1 14 ? -7.718  2.349   3.988   1.00 28.74 ? 6   LEU A CD1 1 
ATOM   53  C CD2 . LEU A 1 14 ? -6.344  0.289   4.379   1.00 23.76 ? 6   LEU A CD2 1 
ATOM   54  N N   . SER A 1 15 ? -9.188  -0.061  8.076   1.00 20.84 ? 7   SER A N   1 
ATOM   55  C CA  . SER A 1 15 ? -10.419 -0.826  8.005   1.00 20.44 ? 7   SER A CA  1 
ATOM   56  C C   . SER A 1 15 ? -11.050 -0.616  6.612   1.00 19.07 ? 7   SER A C   1 
ATOM   57  O O   . SER A 1 15 ? -11.041 0.479   6.088   1.00 20.91 ? 7   SER A O   1 
ATOM   58  C CB  . SER A 1 15 ? -11.336 -0.415  9.140   1.00 21.85 ? 7   SER A CB  1 
ATOM   59  O OG  . SER A 1 15 ? -11.746 0.926   8.923   1.00 25.26 ? 7   SER A OG  1 
ATOM   60  N N   . ARG A 1 16 ? -11.514 -1.695  5.970   1.00 17.27 ? 8   ARG A N   1 
ATOM   61  C CA  . ARG A 1 16 ? -12.177 -1.559  4.669   1.00 17.86 ? 8   ARG A CA  1 
ATOM   62  C C   . ARG A 1 16 ? -13.446 -2.403  4.777   1.00 19.39 ? 8   ARG A C   1 
ATOM   63  O O   . ARG A 1 16 ? -13.394 -3.519  5.287   1.00 21.14 ? 8   ARG A O   1 
ATOM   64  C CB  . ARG A 1 16 ? -11.295 -2.083  3.504   1.00 18.04 ? 8   ARG A CB  1 
ATOM   65  C CG  . ARG A 1 16 ? -9.982  -1.308  3.238   1.00 19.48 ? 8   ARG A CG  1 
ATOM   66  C CD  . ARG A 1 16 ? -10.144 -0.004  2.439   1.00 18.13 ? 8   ARG A CD  1 
ATOM   67  N NE  . ARG A 1 16 ? -10.661 1.161   3.219   1.00 18.82 ? 8   ARG A NE  1 
ATOM   68  C CZ  . ARG A 1 16 ? -11.014 2.335   2.705   1.00 18.95 ? 8   ARG A CZ  1 
ATOM   69  N NH1 . ARG A 1 16 ? -10.883 2.587   1.395   1.00 17.68 ? 8   ARG A NH1 1 
ATOM   70  N NH2 . ARG A 1 16 ? -11.522 3.275   3.525   1.00 21.80 ? 8   ARG A NH2 1 
ATOM   71  N N   . ARG A 1 17 ? -14.567 -1.867  4.294   1.00 21.53 ? 9   ARG A N   1 
ATOM   72  C CA  . ARG A 1 17 ? -15.834 -2.613  4.192   1.00 25.79 ? 9   ARG A CA  1 
ATOM   73  C C   . ARG A 1 17 ? -15.901 -3.126  2.793   1.00 25.38 ? 9   ARG A C   1 
ATOM   74  O O   . ARG A 1 17 ? -15.088 -2.755  1.986   1.00 23.20 ? 9   ARG A O   1 
ATOM   75  C CB  . ARG A 1 17 ? -17.034 -1.678  4.430   1.00 27.69 ? 9   ARG A CB  1 
ATOM   76  C CG  . ARG A 1 17 ? -16.917 -0.931  5.752   1.00 34.21 ? 9   ARG A CG  1 
ATOM   77  C CD  . ARG A 1 17 ? -18.224 -0.343  6.267   1.00 39.59 ? 9   ARG A CD  1 
ATOM   78  N NE  . ARG A 1 17 ? -18.285 -0.622  7.714   1.00 50.12 ? 9   ARG A NE  1 
ATOM   79  C CZ  . ARG A 1 17 ? -18.991 -1.602  8.285   1.00 52.60 ? 9   ARG A CZ  1 
ATOM   80  N NH1 . ARG A 1 17 ? -19.769 -2.399  7.546   1.00 57.61 ? 9   ARG A NH1 1 
ATOM   81  N NH2 . ARG A 1 17 ? -18.944 -1.774  9.607   1.00 50.19 ? 9   ARG A NH2 1 
ATOM   82  N N   . GLU A 1 18 ? -16.913 -3.942  2.485   1.00 25.68 ? 10  GLU A N   1 
ATOM   83  C CA  . GLU A 1 18 ? -17.151 -4.385  1.101   1.00 25.54 ? 10  GLU A CA  1 
ATOM   84  C C   . GLU A 1 18 ? -17.246 -3.278  0.081   1.00 22.67 ? 10  GLU A C   1 
ATOM   85  O O   . GLU A 1 18 ? -17.926 -2.274  0.283   1.00 22.35 ? 10  GLU A O   1 
ATOM   86  C CB  . GLU A 1 18 ? -18.437 -5.238  1.026   1.00 30.91 ? 10  GLU A CB  1 
ATOM   87  C CG  . GLU A 1 18 ? -18.340 -6.508  1.846   1.00 36.25 ? 10  GLU A CG  1 
ATOM   88  C CD  . GLU A 1 18 ? -19.605 -7.358  1.726   1.00 45.61 ? 10  GLU A CD  1 
ATOM   89  O OE1 . GLU A 1 18 ? -20.460 -7.071  0.837   1.00 49.02 ? 10  GLU A OE1 1 
ATOM   90  O OE2 . GLU A 1 18 ? -19.733 -8.311  2.506   1.00 50.02 ? 10  GLU A OE2 1 
ATOM   91  N N   . GLY A 1 19 ? -16.566 -3.458  -1.039  1.00 20.52 ? 11  GLY A N   1 
ATOM   92  C CA  . GLY A 1 19 ? -16.541 -2.419  -2.063  1.00 20.25 ? 11  GLY A CA  1 
ATOM   93  C C   . GLY A 1 19 ? -15.589 -1.269  -1.724  1.00 21.56 ? 11  GLY A C   1 
ATOM   94  O O   . GLY A 1 19 ? -15.483 -0.338  -2.519  1.00 26.69 ? 11  GLY A O   1 
ATOM   95  N N   . GLU A 1 20 ? -14.872 -1.308  -0.582  1.00 20.55 ? 12  GLU A N   1 
ATOM   96  C CA  . GLU A 1 20 ? -13.875 -0.242  -0.347  1.00 22.14 ? 12  GLU A CA  1 
ATOM   97  C C   . GLU A 1 20 ? -12.464 -0.731  -0.728  1.00 24.34 ? 12  GLU A C   1 
ATOM   98  O O   . GLU A 1 20 ? -12.099 -1.917  -0.481  1.00 22.78 ? 12  GLU A O   1 
ATOM   99  C CB  . GLU A 1 20 ? -13.859 0.240   1.092   1.00 21.26 ? 12  GLU A CB  1 
ATOM   100 C CG  . GLU A 1 20 ? -15.253 0.639   1.566   1.00 25.34 ? 12  GLU A CG  1 
ATOM   101 C CD  . GLU A 1 20 ? -15.271 1.326   2.913   1.00 25.85 ? 12  GLU A CD  1 
ATOM   102 O OE1 . GLU A 1 20 ? -14.666 0.813   3.861   1.00 28.57 ? 12  GLU A OE1 1 
ATOM   103 O OE2 . GLU A 1 20 ? -15.935 2.373   3.024   1.00 28.51 ? 12  GLU A OE2 1 
ATOM   104 N N   . GLY A 1 21 ? -11.685 0.182   -1.305  1.00 22.13 ? 13  GLY A N   1 
ATOM   105 C CA  . GLY A 1 21 ? -10.326 -0.191  -1.781  1.00 23.45 ? 13  GLY A CA  1 
ATOM   106 C C   . GLY A 1 21 ? -9.190  0.809   -1.527  1.00 22.02 ? 13  GLY A C   1 
ATOM   107 O O   . GLY A 1 21 ? -9.407  1.896   -0.940  1.00 21.74 ? 13  GLY A O   1 
ATOM   108 N N   . ILE A 1 22 ? -8.025  0.496   -2.105  1.00 20.10 ? 14  ILE A N   1 
ATOM   109 C CA  . ILE A 1 22 ? -6.804  1.318   -1.967  1.00 19.61 ? 14  ILE A CA  1 
ATOM   110 C C   . ILE A 1 22 ? -6.142  1.316   -3.335  1.00 18.42 ? 14  ILE A C   1 
ATOM   111 O O   . ILE A 1 22 ? -6.244  0.328   -4.059  1.00 17.43 ? 14  ILE A O   1 
ATOM   112 C CB  . ILE A 1 22 ? -5.880  0.668   -0.907  1.00 23.08 ? 14  ILE A CB  1 
ATOM   113 C CG1 . ILE A 1 22 ? -6.544  0.669   0.477   1.00 27.56 ? 14  ILE A CG1 1 
ATOM   114 C CG2 . ILE A 1 22 ? -4.520  1.339   -0.809  1.00 26.40 ? 14  ILE A CG2 1 
ATOM   115 C CD1 . ILE A 1 22 ? -6.334  -0.636  1.252   1.00 33.63 ? 14  ILE A CD1 1 
ATOM   116 N N   . THR A 1 23 ? -5.507  2.414   -3.733  1.00 16.24 ? 15  THR A N   1 
ATOM   117 C CA  . THR A 1 23 ? -4.766  2.454   -4.994  1.00 20.03 ? 15  THR A CA  1 
ATOM   118 C C   . THR A 1 23 ? -3.329  2.651   -4.661  1.00 18.94 ? 15  THR A C   1 
ATOM   119 O O   . THR A 1 23 ? -3.038  3.480   -3.810  1.00 21.39 ? 15  THR A O   1 
ATOM   120 C CB  . THR A 1 23 ? -5.251  3.615   -5.874  1.00 25.75 ? 15  THR A CB  1 
ATOM   121 O OG1 . THR A 1 23 ? -6.613  3.356   -6.242  1.00 29.68 ? 15  THR A OG1 1 
ATOM   122 C CG2 . THR A 1 23 ? -4.352  3.767   -7.176  1.00 28.23 ? 15  THR A CG2 1 
ATOM   123 N N   . LEU A 1 24 ? -2.425  1.885   -5.281  1.00 16.92 ? 16  LEU A N   1 
ATOM   124 C CA  . LEU A 1 24 ? -0.986  2.076   -5.076  1.00 18.67 ? 16  LEU A CA  1 
ATOM   125 C C   . LEU A 1 24 ? -0.393  2.610   -6.357  1.00 21.11 ? 16  LEU A C   1 
ATOM   126 O O   . LEU A 1 24 ? -0.649  2.058   -7.471  1.00 22.29 ? 16  LEU A O   1 
ATOM   127 C CB  . LEU A 1 24 ? -0.279  0.764   -4.802  1.00 18.75 ? 16  LEU A CB  1 
ATOM   128 C CG  . LEU A 1 24 ? -0.977  -0.123  -3.754  1.00 22.18 ? 16  LEU A CG  1 
ATOM   129 C CD1 . LEU A 1 24 ? -0.146  -1.401  -3.635  1.00 23.70 ? 16  LEU A CD1 1 
ATOM   130 C CD2 . LEU A 1 24 ? -1.051  0.614   -2.441  1.00 21.18 ? 16  LEU A CD2 1 
ATOM   131 N N   . SER A 1 25 ? 0.442   3.621   -6.224  1.00 22.29 ? 17  SER A N   1 
ATOM   132 C CA  . SER A 1 25 ? 1.040   4.232   -7.412  1.00 25.96 ? 17  SER A CA  1 
ATOM   133 C C   . SER A 1 25 ? 2.482   4.600   -7.059  1.00 24.43 ? 17  SER A C   1 
ATOM   134 O O   . SER A 1 25 ? 2.938   4.305   -5.967  1.00 24.39 ? 17  SER A O   1 
ATOM   135 C CB  . SER A 1 25 ? 0.268   5.523   -7.780  1.00 26.12 ? 17  SER A CB  1 
ATOM   136 O OG  . SER A 1 25 ? 0.583   5.879   -9.131  1.00 40.72 ? 17  SER A OG  1 
ATOM   137 N N   . LEU A 1 26 ? 3.202   5.229   -7.973  1.00 23.84 ? 18  LEU A N   1 
ATOM   138 C CA  . LEU A 1 26 ? 4.584   5.589   -7.657  1.00 25.96 ? 18  LEU A CA  1 
ATOM   139 C C   . LEU A 1 26 ? 4.640   7.077   -7.441  1.00 25.69 ? 18  LEU A C   1 
ATOM   140 O O   . LEU A 1 26 ? 3.914   7.833   -8.076  1.00 25.18 ? 18  LEU A O   1 
ATOM   141 C CB  . LEU A 1 26 ? 5.579   5.061   -8.710  1.00 27.37 ? 18  LEU A CB  1 
ATOM   142 C CG  . LEU A 1 26 ? 5.569   3.508   -8.843  1.00 30.07 ? 18  LEU A CG  1 
ATOM   143 C CD1 . LEU A 1 26 ? 6.624   2.974   -9.818  1.00 34.54 ? 18  LEU A CD1 1 
ATOM   144 C CD2 . LEU A 1 26 ? 5.751   2.764   -7.524  1.00 28.80 ? 18  LEU A CD2 1 
ATOM   145 N N   . LYS A 1 27 ? 5.403   7.492   -6.447  1.00 27.39 ? 19  LYS A N   1 
ATOM   146 C CA  . LYS A 1 27 ? 5.559   8.925   -6.155  1.00 26.45 ? 19  LYS A CA  1 
ATOM   147 C C   . LYS A 1 27 ? 6.351   9.594   -7.268  1.00 28.22 ? 19  LYS A C   1 
ATOM   148 O O   . LYS A 1 27 ? 7.438   9.121   -7.658  1.00 26.96 ? 19  LYS A O   1 
ATOM   149 C CB  . LYS A 1 27 ? 6.292   9.077   -4.847  1.00 25.75 ? 19  LYS A CB  1 
ATOM   150 C CG  . LYS A 1 27 ? 5.423   8.709   -3.673  1.00 26.93 ? 19  LYS A CG  1 
ATOM   151 C CD  . LYS A 1 27 ? 5.977   9.236   -2.355  1.00 28.80 ? 19  LYS A CD  1 
ATOM   152 C CE  . LYS A 1 27 ? 5.148   8.722   -1.179  1.00 33.57 ? 19  LYS A CE  1 
ATOM   153 N NZ  . LYS A 1 27 ? 5.977   8.495   0.043   1.00 34.57 ? 19  LYS A NZ  1 
ATOM   154 N N   . ALA A 1 28 ? 5.825   10.701  -7.784  1.00 32.35 ? 20  ALA A N   1 
ATOM   155 C CA  . ALA A 1 28 ? 6.550   11.454  -8.844  1.00 37.06 ? 20  ALA A CA  1 
ATOM   156 C C   . ALA A 1 28 ? 7.971   11.966  -8.500  1.00 36.45 ? 20  ALA A C   1 
ATOM   157 O O   . ALA A 1 28 ? 8.813   12.042  -9.391  1.00 39.33 ? 20  ALA A O   1 
ATOM   158 C CB  . ALA A 1 28 ? 5.690   12.587  -9.384  1.00 38.39 ? 20  ALA A CB  1 
ATOM   159 N N   . ASP A 1 29 ? 8.234   12.318  -7.239  1.00 38.88 ? 21  ASP A N   1 
ATOM   160 C CA  . ASP A 1 29 ? 9.559   12.843  -6.830  1.00 46.63 ? 21  ASP A CA  1 
ATOM   161 C C   . ASP A 1 29 ? 10.688  11.815  -6.635  1.00 43.88 ? 21  ASP A C   1 
ATOM   162 O O   . ASP A 1 29 ? 11.837  12.191  -6.513  1.00 41.37 ? 21  ASP A O   1 
ATOM   163 C CB  . ASP A 1 29 ? 9.435   13.732  -5.580  1.00 50.93 ? 21  ASP A CB  1 
ATOM   164 C CG  . ASP A 1 29 ? 8.721   13.033  -4.423  1.00 58.44 ? 21  ASP A CG  1 
ATOM   165 O OD1 . ASP A 1 29 ? 7.617   12.462  -4.629  1.00 66.64 ? 21  ASP A OD1 1 
ATOM   166 O OD2 . ASP A 1 29 ? 9.265   13.062  -3.301  1.00 60.70 ? 21  ASP A OD2 1 
ATOM   167 N N   . TYR A 1 30 ? 10.369  10.523  -6.605  1.00 44.70 ? 22  TYR A N   1 
ATOM   168 C CA  . TYR A 1 30 ? 11.397  9.480   -6.455  1.00 41.24 ? 22  TYR A CA  1 
ATOM   169 C C   . TYR A 1 30 ? 11.846  9.048   -7.828  1.00 41.50 ? 22  TYR A C   1 
ATOM   170 O O   . TYR A 1 30 ? 11.022  9.006   -8.760  1.00 42.12 ? 22  TYR A O   1 
ATOM   171 C CB  . TYR A 1 30 ? 10.884  8.264   -5.653  1.00 39.33 ? 22  TYR A CB  1 
ATOM   172 C CG  . TYR A 1 30 ? 10.645  8.524   -4.178  1.00 38.39 ? 22  TYR A CG  1 
ATOM   173 C CD1 . TYR A 1 30 ? 9.689   9.419   -3.775  1.00 38.43 ? 22  TYR A CD1 1 
ATOM   174 C CD2 . TYR A 1 30 ? 11.363  7.840   -3.180  1.00 42.75 ? 22  TYR A CD2 1 
ATOM   175 C CE1 . TYR A 1 30 ? 9.448   9.680   -2.431  1.00 46.60 ? 22  TYR A CE1 1 
ATOM   176 C CE2 . TYR A 1 30 ? 11.117  8.077   -1.820  1.00 42.33 ? 22  TYR A CE2 1 
ATOM   177 C CZ  . TYR A 1 30 ? 10.159  9.014   -1.456  1.00 47.66 ? 22  TYR A CZ  1 
ATOM   178 O OH  . TYR A 1 30 ? 9.858   9.319   -0.130  1.00 51.99 ? 22  TYR A OH  1 
ATOM   179 N N   . PRO A 1 31 ? 13.148  8.703   -7.974  1.00 40.13 ? 23  PRO A N   1 
ATOM   180 C CA  . PRO A 1 31 ? 13.735  8.291   -9.267  1.00 45.17 ? 23  PRO A CA  1 
ATOM   181 C C   . PRO A 1 31 ? 13.369  6.852   -9.730  1.00 50.19 ? 23  PRO A C   1 
ATOM   182 O O   . PRO A 1 31 ? 13.310  5.928   -8.897  1.00 44.35 ? 23  PRO A O   1 
ATOM   183 C CB  . PRO A 1 31 ? 15.246  8.395   -8.998  1.00 41.98 ? 23  PRO A CB  1 
ATOM   184 C CG  . PRO A 1 31 ? 15.350  8.068   -7.538  1.00 41.90 ? 23  PRO A CG  1 
ATOM   185 C CD  . PRO A 1 31 ? 14.143  8.679   -6.884  1.00 39.19 ? 23  PRO A CD  1 
ATOM   186 N N   . ALA A 1 32 ? 13.207  6.665   -11.045 1.00 52.01 ? 24  ALA A N   1 
ATOM   187 C CA  . ALA A 1 32 ? 12.753  5.391   -11.619 1.00 51.73 ? 24  ALA A CA  1 
ATOM   188 C C   . ALA A 1 32 ? 13.659  4.199   -11.409 1.00 46.76 ? 24  ALA A C   1 
ATOM   189 O O   . ALA A 1 32 ? 13.181  3.096   -11.204 1.00 50.88 ? 24  ALA A O   1 
ATOM   190 C CB  . ALA A 1 32 ? 12.451  5.540   -13.107 1.00 55.24 ? 24  ALA A CB  1 
ATOM   191 N N   . GLU A 1 33 ? 14.964  4.387   -11.520 1.00 50.54 ? 25  GLU A N   1 
ATOM   192 C CA  . GLU A 1 33 ? 15.887  3.290   -11.280 1.00 50.62 ? 25  GLU A CA  1 
ATOM   193 C C   . GLU A 1 33 ? 15.664  2.719   -9.864  1.00 44.96 ? 25  GLU A C   1 
ATOM   194 O O   . GLU A 1 33 ? 15.623  1.508   -9.696  1.00 39.61 ? 25  GLU A O   1 
ATOM   195 C CB  . GLU A 1 33 ? 17.341  3.737   -11.452 1.00 57.09 ? 25  GLU A CB  1 
ATOM   196 C CG  . GLU A 1 33 ? 18.206  2.766   -12.249 1.00 62.52 ? 25  GLU A CG  1 
ATOM   197 C CD  . GLU A 1 33 ? 17.912  2.809   -13.744 1.00 69.40 ? 25  GLU A CD  1 
ATOM   198 O OE1 . GLU A 1 33 ? 17.784  3.937   -14.296 1.00 68.72 ? 25  GLU A OE1 1 
ATOM   199 O OE2 . GLU A 1 33 ? 17.806  1.716   -14.363 1.00 62.61 ? 25  GLU A OE2 1 
ATOM   200 N N   . GLU A 1 34 ? 15.488  3.604   -8.877  1.00 34.32 ? 26  GLU A N   1 
ATOM   201 C CA  . GLU A 1 34 ? 15.476  3.211   -7.468  1.00 29.12 ? 26  GLU A CA  1 
ATOM   202 C C   . GLU A 1 34 ? 14.155  2.558   -7.095  1.00 23.84 ? 26  GLU A C   1 
ATOM   203 O O   . GLU A 1 34 ? 14.133  1.562   -6.340  1.00 24.41 ? 26  GLU A O   1 
ATOM   204 C CB  . GLU A 1 34 ? 15.735  4.431   -6.581  1.00 30.41 ? 26  GLU A CB  1 
ATOM   205 C CG  . GLU A 1 34 ? 16.185  4.088   -5.163  1.00 45.44 ? 26  GLU A CG  1 
ATOM   206 C CD  . GLU A 1 34 ? 17.326  3.066   -5.143  1.00 52.24 ? 26  GLU A CD  1 
ATOM   207 O OE1 . GLU A 1 34 ? 18.076  2.943   -6.154  1.00 53.56 ? 26  GLU A OE1 1 
ATOM   208 O OE2 . GLU A 1 34 ? 17.460  2.375   -4.107  1.00 59.48 ? 26  GLU A OE2 1 
ATOM   209 N N   . LEU A 1 35 ? 13.055  3.128   -7.575  1.00 21.71 ? 27  LEU A N   1 
ATOM   210 C CA  . LEU A 1 35 ? 11.733  2.537   -7.275  1.00 26.00 ? 27  LEU A CA  1 
ATOM   211 C C   . LEU A 1 35 ? 11.638  1.140   -7.858  1.00 24.55 ? 27  LEU A C   1 
ATOM   212 O O   . LEU A 1 35 ? 11.155  0.237   -7.203  1.00 19.99 ? 27  LEU A O   1 
ATOM   213 C CB  . LEU A 1 35 ? 10.609  3.309   -7.938  1.00 30.59 ? 27  LEU A CB  1 
ATOM   214 C CG  . LEU A 1 35 ? 10.392  4.779   -7.703  1.00 32.91 ? 27  LEU A CG  1 
ATOM   215 C CD1 . LEU A 1 35 ? 9.754   5.381   -8.962  1.00 28.18 ? 27  LEU A CD1 1 
ATOM   216 C CD2 . LEU A 1 35 ? 9.525   4.963   -6.468  1.00 28.49 ? 27  LEU A CD2 1 
ATOM   217 N N   . ILE A 1 36 ? 12.073  0.973   -9.109  1.00 29.65 ? 28  ILE A N   1 
ATOM   218 C CA  . ILE A 1 36 ? 12.024  -0.363  -9.718  1.00 35.01 ? 28  ILE A CA  1 
ATOM   219 C C   . ILE A 1 36 ? 12.878  -1.337  -8.925  1.00 31.78 ? 28  ILE A C   1 
ATOM   220 O O   . ILE A 1 36 ? 12.490  -2.462  -8.687  1.00 34.41 ? 28  ILE A O   1 
ATOM   221 C CB  . ILE A 1 36 ? 12.285  -0.372  -11.251 1.00 42.40 ? 28  ILE A CB  1 
ATOM   222 C CG1 . ILE A 1 36 ? 13.775  -0.351  -11.598 1.00 47.53 ? 28  ILE A CG1 1 
ATOM   223 C CG2 . ILE A 1 36 ? 11.482  0.728   -11.921 1.00 44.57 ? 28  ILE A CG2 1 
ATOM   224 C CD1 . ILE A 1 36 ? 14.392  -1.739  -11.641 1.00 47.89 ? 28  ILE A CD1 1 
ATOM   225 N N   . ARG A 1 37 ? 13.997  -0.874  -8.431  1.00 30.83 ? 29  ARG A N   1 
ATOM   226 C CA  A ARG A 1 37 ? 14.825  -1.678  -7.563  0.38 34.99 ? 29  ARG A CA  1 
ATOM   227 C CA  C ARG A 1 37 ? 14.804  -1.712  -7.590  0.62 37.91 ? 29  ARG A CA  1 
ATOM   228 C C   . ARG A 1 37 ? 14.157  -1.936  -6.196  1.00 36.87 ? 29  ARG A C   1 
ATOM   229 O O   . ARG A 1 37 ? 14.312  -3.009  -5.614  1.00 40.95 ? 29  ARG A O   1 
ATOM   230 C CB  A ARG A 1 37 ? 16.211  -1.039  -7.424  0.38 33.17 ? 29  ARG A CB  1 
ATOM   231 C CB  C ARG A 1 37 ? 16.227  -1.154  -7.513  0.62 39.97 ? 29  ARG A CB  1 
ATOM   232 C CG  A ARG A 1 37 ? 17.006  -1.142  -8.723  0.38 31.96 ? 29  ARG A CG  1 
ATOM   233 C CG  C ARG A 1 37 ? 16.935  -1.165  -8.877  0.62 42.45 ? 29  ARG A CG  1 
ATOM   234 C CD  A ARG A 1 37 ? 18.317  -0.361  -8.779  0.38 27.72 ? 29  ARG A CD  1 
ATOM   235 C CD  C ARG A 1 37 ? 18.248  -1.954  -8.924  0.62 46.51 ? 29  ARG A CD  1 
ATOM   236 N NE  A ARG A 1 37 ? 18.910  -0.665  -10.071 0.38 29.65 ? 29  ARG A NE  1 
ATOM   237 N NE  C ARG A 1 37 ? 18.330  -3.072  -7.977  0.62 41.29 ? 29  ARG A NE  1 
ATOM   238 C CZ  A ARG A 1 37 ? 20.125  -0.336  -10.479 0.38 29.46 ? 29  ARG A CZ  1 
ATOM   239 C CZ  C ARG A 1 37 ? 17.881  -4.299  -8.202  0.62 37.52 ? 29  ARG A CZ  1 
ATOM   240 N NH1 A ARG A 1 37 ? 20.941  0.367   -9.704  0.38 30.12 ? 29  ARG A NH1 1 
ATOM   241 N NH1 C ARG A 1 37 ? 17.264  -4.616  -9.349  0.62 35.18 ? 29  ARG A NH1 1 
ATOM   242 N NH2 A ARG A 1 37 ? 20.513  -0.717  -11.684 0.38 28.12 ? 29  ARG A NH2 1 
ATOM   243 N NH2 C ARG A 1 37 ? 18.034  -5.202  -7.257  0.62 38.25 ? 29  ARG A NH2 1 
ATOM   244 N N   . GLN A 1 38 ? 13.414  -0.960  -5.681  1.00 33.31 ? 30  GLN A N   1 
ATOM   245 C CA  . GLN A 1 38 ? 12.690  -1.163  -4.393  1.00 33.09 ? 30  GLN A CA  1 
ATOM   246 C C   . GLN A 1 38 ? 11.712  -2.343  -4.609  1.00 31.69 ? 30  GLN A C   1 
ATOM   247 O O   . GLN A 1 38 ? 11.658  -3.248  -3.806  1.00 35.17 ? 30  GLN A O   1 
ATOM   248 C CB  . GLN A 1 38 ? 11.927  0.122   -3.943  1.00 38.01 ? 30  GLN A CB  1 
ATOM   249 C CG  . GLN A 1 38 ? 12.689  1.237   -3.159  1.00 39.49 ? 30  GLN A CG  1 
ATOM   250 C CD  . GLN A 1 38 ? 11.898  2.562   -3.036  1.00 44.53 ? 30  GLN A CD  1 
ATOM   251 O OE1 . GLN A 1 38 ? 10.666  2.574   -3.024  1.00 39.91 ? 30  GLN A OE1 1 
ATOM   252 N NE2 . GLN A 1 38 ? 12.615  3.683   -2.928  1.00 47.60 ? 30  GLN A NE2 1 
ATOM   253 N N   . LEU A 1 39 ? 10.984  -2.344  -5.735  1.00 28.89 ? 31  LEU A N   1 
ATOM   254 C CA  . LEU A 1 39 ? 9.843   -3.273  -6.028  1.00 28.93 ? 31  LEU A CA  1 
ATOM   255 C C   . LEU A 1 39 ? 10.241  -4.685  -6.537  1.00 36.74 ? 31  LEU A C   1 
ATOM   256 O O   . LEU A 1 39 ? 9.579   -5.681  -6.203  1.00 27.96 ? 31  LEU A O   1 
ATOM   257 C CB  . LEU A 1 39 ? 8.863   -2.635  -7.029  1.00 27.73 ? 31  LEU A CB  1 
ATOM   258 C CG  . LEU A 1 39 ? 7.882   -1.526  -6.557  1.00 30.90 ? 31  LEU A CG  1 
ATOM   259 C CD1 . LEU A 1 39 ? 7.035   -1.944  -5.341  1.00 27.63 ? 31  LEU A CD1 1 
ATOM   260 C CD2 . LEU A 1 39 ? 8.571   -0.237  -6.192  1.00 38.34 ? 31  LEU A CD2 1 
ATOM   261 N N   . ARG A 1 40 ? 11.274  -4.740  -7.389  1.00 37.31 ? 32  ARG A N   1 
ATOM   262 C CA  . ARG A 1 40 ? 11.922  -6.005  -7.730  1.00 50.42 ? 32  ARG A CA  1 
ATOM   263 C C   . ARG A 1 40 ? 12.466  -6.717  -6.483  1.00 54.55 ? 32  ARG A C   1 
ATOM   264 O O   . ARG A 1 40 ? 12.168  -7.896  -6.254  1.00 65.58 ? 32  ARG A O   1 
ATOM   265 C CB  . ARG A 1 40 ? 13.049  -5.806  -8.758  1.00 41.97 ? 32  ARG A CB  1 
ATOM   266 C CG  . ARG A 1 40 ? 12.543  -5.466  -10.149 1.00 44.04 ? 32  ARG A CG  1 
ATOM   267 C CD  . ARG A 1 40 ? 13.414  -6.070  -11.251 1.00 50.08 ? 32  ARG A CD  1 
ATOM   268 N NE  . ARG A 1 40 ? 13.574  -5.172  -12.401 1.00 47.70 ? 32  ARG A NE  1 
ATOM   269 C CZ  . ARG A 1 40 ? 12.847  -5.206  -13.519 1.00 45.64 ? 32  ARG A CZ  1 
ATOM   270 N NH1 . ARG A 1 40 ? 11.866  -6.085  -13.668 1.00 47.09 ? 32  ARG A NH1 1 
ATOM   271 N NH2 . ARG A 1 40 ? 13.097  -4.329  -14.500 1.00 41.88 ? 32  ARG A NH2 1 
ATOM   272 N N   . GLU A 1 41 ? 13.246  -6.003  -5.680  1.00 58.53 ? 33  GLU A N   1 
ATOM   273 C CA  . GLU A 1 41 ? 13.941  -6.627  -4.571  1.00 55.86 ? 33  GLU A CA  1 
ATOM   274 C C   . GLU A 1 41 ? 13.017  -7.034  -3.436  1.00 56.86 ? 33  GLU A C   1 
ATOM   275 O O   . GLU A 1 41 ? 13.084  -8.177  -2.983  1.00 61.76 ? 33  GLU A O   1 
ATOM   276 C CB  . GLU A 1 41 ? 15.103  -5.760  -4.055  1.00 62.90 ? 33  GLU A CB  1 
ATOM   277 C CG  . GLU A 1 41 ? 14.698  -4.651  -3.090  1.00 74.53 ? 33  GLU A CG  1 
ATOM   278 C CD  . GLU A 1 41 ? 15.874  -3.843  -2.572  1.00 84.85 ? 33  GLU A CD  1 
ATOM   279 O OE1 . GLU A 1 41 ? 15.641  -2.935  -1.736  1.00 89.03 ? 33  GLU A OE1 1 
ATOM   280 O OE2 . GLU A 1 41 ? 17.025  -4.108  -2.998  1.00 85.79 ? 33  GLU A OE2 1 
ATOM   281 N N   . GLY A 1 42 ? 12.172  -6.116  -2.969  1.00 55.06 ? 34  GLY A N   1 
ATOM   282 C CA  . GLY A 1 42 ? 11.393  -6.346  -1.750  1.00 49.25 ? 34  GLY A CA  1 
ATOM   283 C C   . GLY A 1 42 ? 9.875   -6.382  -1.897  1.00 41.18 ? 34  GLY A C   1 
ATOM   284 O O   . GLY A 1 42 ? 9.170   -7.006  -1.110  1.00 43.15 ? 34  GLY A O   1 
ATOM   285 N N   . GLY A 1 43 ? 9.380   -5.705  -2.907  1.00 30.73 ? 35  GLY A N   1 
ATOM   286 C CA  . GLY A 1 43 ? 7.974   -5.737  -3.221  1.00 26.84 ? 35  GLY A CA  1 
ATOM   287 C C   . GLY A 1 43 ? 7.082   -5.024  -2.216  1.00 24.45 ? 35  GLY A C   1 
ATOM   288 O O   . GLY A 1 43 ? 7.541   -4.248  -1.343  1.00 25.93 ? 35  GLY A O   1 
ATOM   289 N N   . ILE A 1 44 ? 5.785   -5.315  -2.346  1.00 20.23 ? 36  ILE A N   1 
ATOM   290 C CA  . ILE A 1 44 ? 4.763   -4.707  -1.534  1.00 17.43 ? 36  ILE A CA  1 
ATOM   291 C C   . ILE A 1 44 ? 4.087   -5.896  -0.856  1.00 18.64 ? 36  ILE A C   1 
ATOM   292 O O   . ILE A 1 44 ? 3.828   -6.941  -1.529  1.00 17.37 ? 36  ILE A O   1 
ATOM   293 C CB  . ILE A 1 44 ? 3.731   -4.007  -2.453  1.00 16.87 ? 36  ILE A CB  1 
ATOM   294 C CG1 . ILE A 1 44 ? 4.376   -2.780  -3.139  1.00 17.04 ? 36  ILE A CG1 1 
ATOM   295 C CG2 . ILE A 1 44 ? 2.468   -3.542  -1.670  1.00 16.58 ? 36  ILE A CG2 1 
ATOM   296 C CD1 . ILE A 1 44 ? 3.495   -2.172  -4.223  1.00 15.33 ? 36  ILE A CD1 1 
ATOM   297 N N   . ARG A 1 45 ? 3.762   -5.737  0.426   1.00 19.19 ? 37  ARG A N   1 
ATOM   298 C CA  . ARG A 1 45 ? 3.063   -6.786  1.149   1.00 22.23 ? 37  ARG A CA  1 
ATOM   299 C C   . ARG A 1 45 ? 1.681   -6.271  1.488   1.00 19.56 ? 37  ARG A C   1 
ATOM   300 O O   . ARG A 1 45 ? 1.554   -5.148  1.995   1.00 18.23 ? 37  ARG A O   1 
ATOM   301 C CB  . ARG A 1 45 ? 3.808   -7.149  2.436   1.00 24.91 ? 37  ARG A CB  1 
ATOM   302 C CG  . ARG A 1 45 ? 4.994   -8.049  2.199   1.00 36.55 ? 37  ARG A CG  1 
ATOM   303 C CD  . ARG A 1 45 ? 4.675   -9.463  2.663   1.00 45.82 ? 37  ARG A CD  1 
ATOM   304 N NE  . ARG A 1 45 ? 5.878   -10.317 2.654   1.00 57.84 ? 37  ARG A NE  1 
ATOM   305 C CZ  . ARG A 1 45 ? 6.077   -11.385 3.438   1.00 60.51 ? 37  ARG A CZ  1 
ATOM   306 N NH1 . ARG A 1 45 ? 5.174   -11.762 4.344   1.00 62.51 ? 37  ARG A NH1 1 
ATOM   307 N NH2 . ARG A 1 45 ? 7.201   -12.083 3.327   1.00 61.15 ? 37  ARG A NH2 1 
ATOM   308 N N   . ILE A 1 46 ? 0.658   -7.079  1.207   1.00 16.70 ? 38  ILE A N   1 
ATOM   309 C CA  . ILE A 1 46 ? -0.732  -6.795  1.624   1.00 20.28 ? 38  ILE A CA  1 
ATOM   310 C C   . ILE A 1 46 ? -1.118  -7.914  2.629   1.00 23.18 ? 38  ILE A C   1 
ATOM   311 O O   . ILE A 1 46 ? -0.855  -9.110  2.362   1.00 19.37 ? 38  ILE A O   1 
ATOM   312 C CB  . ILE A 1 46 ? -1.655  -6.771  0.393   1.00 21.39 ? 38  ILE A CB  1 
ATOM   313 C CG1 . ILE A 1 46 ? -1.061  -5.814  -0.654  1.00 24.23 ? 38  ILE A CG1 1 
ATOM   314 C CG2 . ILE A 1 46 ? -3.116  -6.446  0.750   1.00 21.86 ? 38  ILE A CG2 1 
ATOM   315 C CD1 . ILE A 1 46 ? -1.883  -5.682  -1.909  1.00 27.40 ? 38  ILE A CD1 1 
ATOM   316 N N   . LEU A 1 47 ? -1.691  -7.531  3.779   1.00 24.15 ? 39  LEU A N   1 
ATOM   317 C CA  . LEU A 1 47 ? -1.947  -8.477  4.901   1.00 25.18 ? 39  LEU A CA  1 
ATOM   318 C C   . LEU A 1 47 ? -3.375  -8.224  5.397   1.00 26.42 ? 39  LEU A C   1 
ATOM   319 O O   . LEU A 1 47 ? -3.778  -7.066  5.520   1.00 22.31 ? 39  LEU A O   1 
ATOM   320 C CB  . LEU A 1 47 ? -0.959  -8.229  6.050   1.00 31.12 ? 39  LEU A CB  1 
ATOM   321 C CG  . LEU A 1 47 ? -0.423  -9.427  6.849   1.00 33.59 ? 39  LEU A CG  1 
ATOM   322 C CD1 . LEU A 1 47 ? 0.038   -9.073  8.246   1.00 33.11 ? 39  LEU A CD1 1 
ATOM   323 C CD2 . LEU A 1 47 ? -1.392  -10.588 6.936   1.00 35.41 ? 39  LEU A CD2 1 
ATOM   324 N N   . VAL A 1 48 ? -4.173  -9.280  5.595   1.00 21.84 ? 40  VAL A N   1 
ATOM   325 C CA  . VAL A 1 48 ? -5.513  -9.102  6.209   1.00 22.69 ? 40  VAL A CA  1 
ATOM   326 C C   . VAL A 1 48 ? -5.236  -9.361  7.689   1.00 24.24 ? 40  VAL A C   1 
ATOM   327 O O   . VAL A 1 48 ? -4.906  -10.472 8.107   1.00 23.84 ? 40  VAL A O   1 
ATOM   328 C CB  . VAL A 1 48 ? -6.557  -10.098 5.704   1.00 23.83 ? 40  VAL A CB  1 
ATOM   329 C CG1 . VAL A 1 48 ? -7.785  -10.139 6.630   1.00 23.60 ? 40  VAL A CG1 1 
ATOM   330 C CG2 . VAL A 1 48 ? -6.973  -9.693  4.308   1.00 23.70 ? 40  VAL A CG2 1 
ATOM   331 N N   . THR A 1 49 ? -5.337  -8.313  8.456   1.00 23.65 ? 41  THR A N   1 
ATOM   332 C CA  . THR A 1 49 ? -4.781  -8.282  9.779   1.00 31.63 ? 41  THR A CA  1 
ATOM   333 C C   . THR A 1 49 ? -5.824  -8.717  10.814  1.00 30.29 ? 41  THR A C   1 
ATOM   334 O O   . THR A 1 49 ? -5.480  -9.293  11.852  1.00 32.05 ? 41  THR A O   1 
ATOM   335 C CB  . THR A 1 49 ? -4.264  -6.854  9.915   1.00 34.61 ? 41  THR A CB  1 
ATOM   336 O OG1 . THR A 1 49 ? -2.820  -6.815  9.947   1.00 39.96 ? 41  THR A OG1 1 
ATOM   337 C CG2 . THR A 1 49 ? -4.904  -6.112  10.910  1.00 30.35 ? 41  THR A CG2 1 
ATOM   338 N N   . ASP A 1 50 ? -7.090  -8.467  10.500  1.00 30.62 ? 42  ASP A N   1 
ATOM   339 C CA  . ASP A 1 50 ? -8.205  -8.638  11.434  1.00 33.78 ? 42  ASP A CA  1 
ATOM   340 C C   . ASP A 1 50 ? -9.411  -8.652  10.562  1.00 30.20 ? 42  ASP A C   1 
ATOM   341 O O   . ASP A 1 50 ? -9.466  -7.889  9.617   1.00 26.71 ? 42  ASP A O   1 
ATOM   342 C CB  . ASP A 1 50 ? -8.405  -7.399  12.298  1.00 40.39 ? 42  ASP A CB  1 
ATOM   343 C CG  . ASP A 1 50 ? -7.860  -7.540  13.658  1.00 47.34 ? 42  ASP A CG  1 
ATOM   344 O OD1 . ASP A 1 50 ? -8.513  -8.182  14.520  1.00 55.42 ? 42  ASP A OD1 1 
ATOM   345 O OD2 . ASP A 1 50 ? -6.791  -6.960  13.876  1.00 53.41 ? 42  ASP A OD2 1 
ATOM   346 N N   . ILE A 1 51 ? -10.411 -9.454  10.909  1.00 32.74 ? 43  ILE A N   1 
ATOM   347 C CA  . ILE A 1 51 ? -11.708 -9.347  10.264  1.00 35.99 ? 43  ILE A CA  1 
ATOM   348 C C   . ILE A 1 51 ? -12.690 -9.117  11.420  1.00 46.74 ? 43  ILE A C   1 
ATOM   349 O O   . ILE A 1 51 ? -13.019 -10.045 12.164  1.00 37.51 ? 43  ILE A O   1 
ATOM   350 C CB  . ILE A 1 51 ? -12.021 -10.592 9.404   1.00 37.99 ? 43  ILE A CB  1 
ATOM   351 C CG1 . ILE A 1 51 ? -11.060 -10.665 8.216   1.00 36.93 ? 43  ILE A CG1 1 
ATOM   352 C CG2 . ILE A 1 51 ? -13.426 -10.544 8.829   1.00 38.10 ? 43  ILE A CG2 1 
ATOM   353 C CD1 . ILE A 1 51 ? -10.863 -12.089 7.728   1.00 35.69 ? 43  ILE A CD1 1 
ATOM   354 N N   . ILE A 1 52 ? -13.058 -7.852  11.633  1.00 52.05 ? 44  ILE A N   1 
ATOM   355 C CA  . ILE A 1 52 ? -14.018 -7.516  12.705  1.00 58.75 ? 44  ILE A CA  1 
ATOM   356 C C   . ILE A 1 52 ? -15.402 -7.391  12.073  1.00 57.42 ? 44  ILE A C   1 
ATOM   357 O O   . ILE A 1 52 ? -15.832 -6.285  11.707  1.00 57.94 ? 44  ILE A O   1 
ATOM   358 C CB  . ILE A 1 52 ? -13.614 -6.241  13.504  1.00 58.25 ? 44  ILE A CB  1 
ATOM   359 C CG1 . ILE A 1 52 ? -12.392 -6.524  14.399  1.00 52.76 ? 44  ILE A CG1 1 
ATOM   360 C CG2 . ILE A 1 52 ? -14.793 -5.709  14.331  1.00 61.51 ? 44  ILE A CG2 1 
ATOM   361 C CD1 . ILE A 1 52 ? -11.830 -5.320  15.124  1.00 47.90 ? 44  ILE A CD1 1 
ATOM   362 N N   . GLY A 1 53 ? -16.064 -8.544  11.923  1.00 55.08 ? 45  GLY A N   1 
ATOM   363 C CA  . GLY A 1 53 ? -17.391 -8.644  11.293  1.00 53.89 ? 45  GLY A CA  1 
ATOM   364 C C   . GLY A 1 53 ? -17.397 -8.143  9.863   1.00 53.04 ? 45  GLY A C   1 
ATOM   365 O O   . GLY A 1 53 ? -16.618 -8.644  9.053   1.00 54.10 ? 45  GLY A O   1 
ATOM   366 N N   . ASN A 1 54 ? -18.250 -7.138  9.576   1.00 49.11 ? 46  ASN A N   1 
ATOM   367 C CA  . ASN A 1 54 ? -18.396 -6.480  8.234   1.00 44.35 ? 46  ASN A CA  1 
ATOM   368 C C   . ASN A 1 54 ? -17.245 -5.548  7.750   1.00 35.76 ? 46  ASN A C   1 
ATOM   369 O O   . ASN A 1 54 ? -17.386 -4.802  6.775   1.00 31.81 ? 46  ASN A O   1 
ATOM   370 C CB  . ASN A 1 54 ? -19.724 -5.722  8.152   1.00 46.62 ? 46  ASN A CB  1 
ATOM   371 C CG  . ASN A 1 54 ? -20.918 -6.651  7.934   1.00 56.53 ? 46  ASN A CG  1 
ATOM   372 O OD1 . ASN A 1 54 ? -21.424 -6.777  6.809   1.00 57.50 ? 46  ASN A OD1 1 
ATOM   373 N ND2 . ASN A 1 54 ? -21.367 -7.321  9.006   1.00 54.62 ? 46  ASN A ND2 1 
ATOM   374 N N   . GLN A 1 55 ? -16.123 -5.627  8.443   1.00 33.84 ? 47  GLN A N   1 
ATOM   375 C CA  . GLN A 1 55 ? -14.947 -4.813  8.165   1.00 35.86 ? 47  GLN A CA  1 
ATOM   376 C C   . GLN A 1 55 ? -13.739 -5.718  8.148   1.00 30.53 ? 47  GLN A C   1 
ATOM   377 O O   . GLN A 1 55 ? -13.668 -6.666  8.934   1.00 29.07 ? 47  GLN A O   1 
ATOM   378 C CB  . GLN A 1 55 ? -14.721 -3.842  9.310   1.00 34.51 ? 47  GLN A CB  1 
ATOM   379 C CG  . GLN A 1 55 ? -14.249 -2.507  8.842   1.00 45.08 ? 47  GLN A CG  1 
ATOM   380 C CD  . GLN A 1 55 ? -14.900 -1.425  9.657   1.00 42.45 ? 47  GLN A CD  1 
ATOM   381 O OE1 . GLN A 1 55 ? -15.796 -0.730  9.178   1.00 42.99 ? 47  GLN A OE1 1 
ATOM   382 N NE2 . GLN A 1 55 ? -14.496 -1.327  10.915  1.00 35.60 ? 47  GLN A NE2 1 
ATOM   383 N N   . ALA A 1 56 ? -12.784 -5.392  7.270   1.00 28.44 ? 48  ALA A N   1 
ATOM   384 C CA  . ALA A 1 56 ? -11.513 -6.104  7.216   1.00 26.41 ? 48  ALA A CA  1 
ATOM   385 C C   . ALA A 1 56 ? -10.442 -4.997  7.320   1.00 24.42 ? 48  ALA A C   1 
ATOM   386 O O   . ALA A 1 56 ? -10.571 -3.928  6.717   1.00 24.14 ? 48  ALA A O   1 
ATOM   387 C CB  . ALA A 1 56 ? -11.404 -6.946  5.937   1.00 25.11 ? 48  ALA A CB  1 
ATOM   388 N N   . ARG A 1 57 ? -9.482  -5.214  8.197   1.00 22.23 ? 49  ARG A N   1 
ATOM   389 C CA  . ARG A 1 57 ? -8.350  -4.343  8.394   1.00 25.34 ? 49  ARG A CA  1 
ATOM   390 C C   . ARG A 1 57 ? -7.277  -4.923  7.481   1.00 22.53 ? 49  ARG A C   1 
ATOM   391 O O   . ARG A 1 57 ? -6.895  -6.078  7.625   1.00 24.80 ? 49  ARG A O   1 
ATOM   392 C CB  . ARG A 1 57 ? -7.955  -4.422  9.877   1.00 30.74 ? 49  ARG A CB  1 
ATOM   393 C CG  . ARG A 1 57 ? -6.887  -3.468  10.408  1.00 40.47 ? 49  ARG A CG  1 
ATOM   394 C CD  . ARG A 1 57 ? -6.685  -3.707  11.927  1.00 47.91 ? 49  ARG A CD  1 
ATOM   395 N NE  . ARG A 1 57 ? -5.268  -3.582  12.349  1.00 60.06 ? 49  ARG A NE  1 
ATOM   396 C CZ  . ARG A 1 57 ? -4.662  -4.249  13.343  1.00 52.19 ? 49  ARG A CZ  1 
ATOM   397 N NH1 . ARG A 1 57 ? -5.319  -5.144  14.047  1.00 59.86 ? 49  ARG A NH1 1 
ATOM   398 N NH2 . ARG A 1 57 ? -3.372  -4.040  13.607  1.00 55.48 ? 49  ARG A NH2 1 
ATOM   399 N N   . VAL A 1 58 ? -6.895  -4.126  6.483   1.00 22.77 ? 50  VAL A N   1 
ATOM   400 C CA  . VAL A 1 58 ? -5.919  -4.484  5.441   1.00 18.70 ? 50  VAL A CA  1 
ATOM   401 C C   . VAL A 1 58 ? -4.650  -3.678  5.686   1.00 17.75 ? 50  VAL A C   1 
ATOM   402 O O   . VAL A 1 58 ? -4.698  -2.422  5.707   1.00 18.75 ? 50  VAL A O   1 
ATOM   403 C CB  . VAL A 1 58 ? -6.508  -4.091  4.058   1.00 18.71 ? 50  VAL A CB  1 
ATOM   404 C CG1 . VAL A 1 58 ? -5.503  -4.307  2.922   1.00 17.87 ? 50  VAL A CG1 1 
ATOM   405 C CG2 . VAL A 1 58 ? -7.825  -4.874  3.826   1.00 18.46 ? 50  VAL A CG2 1 
ATOM   406 N N   . GLY A 1 59 ? -3.541  -4.374  5.889   1.00 16.60 ? 51  GLY A N   1 
ATOM   407 C CA  . GLY A 1 59 ? -2.224  -3.717  6.053   1.00 18.41 ? 51  GLY A CA  1 
ATOM   408 C C   . GLY A 1 59 ? -1.484  -3.749  4.727   1.00 20.73 ? 51  GLY A C   1 
ATOM   409 O O   . GLY A 1 59 ? -1.620  -4.725  3.926   1.00 21.60 ? 51  GLY A O   1 
ATOM   410 N N   . ILE A 1 60 ? -0.703  -2.696  4.489   1.00 17.31 ? 52  ILE A N   1 
ATOM   411 C CA  . ILE A 1 60 ? 0.123   -2.579  3.309   1.00 17.66 ? 52  ILE A CA  1 
ATOM   412 C C   . ILE A 1 60 ? 1.490   -2.112  3.776   1.00 18.53 ? 52  ILE A C   1 
ATOM   413 O O   . ILE A 1 60 ? 1.606   -1.091  4.498   1.00 18.98 ? 52  ILE A O   1 
ATOM   414 C CB  . ILE A 1 60 ? -0.453  -1.522  2.347   1.00 18.55 ? 52  ILE A CB  1 
ATOM   415 C CG1 . ILE A 1 60 ? -1.841  -1.968  1.871   1.00 20.37 ? 52  ILE A CG1 1 
ATOM   416 C CG2 . ILE A 1 60 ? 0.558   -1.192  1.198   1.00 18.48 ? 52  ILE A CG2 1 
ATOM   417 C CD1 . ILE A 1 60 ? -2.486  -0.905  1.041   1.00 21.81 ? 52  ILE A CD1 1 
ATOM   418 N N   . GLU A 1 61 ? 2.514   -2.870  3.420   1.00 18.55 ? 53  GLU A N   1 
ATOM   419 C CA  . GLU A 1 61 ? 3.862   -2.461  3.678   1.00 21.45 ? 53  GLU A CA  1 
ATOM   420 C C   . GLU A 1 61 ? 4.539   -2.289  2.295   1.00 20.82 ? 53  GLU A C   1 
ATOM   421 O O   . GLU A 1 61 ? 4.526   -3.215  1.478   1.00 20.06 ? 53  GLU A O   1 
ATOM   422 C CB  . GLU A 1 61 ? 4.526   -3.544  4.535   1.00 27.69 ? 53  GLU A CB  1 
ATOM   423 C CG  . GLU A 1 61 ? 6.001   -3.355  4.815   1.00 36.53 ? 53  GLU A CG  1 
ATOM   424 C CD  . GLU A 1 61 ? 6.623   -4.541  5.598   1.00 48.80 ? 53  GLU A CD  1 
ATOM   425 O OE1 . GLU A 1 61 ? 6.065   -5.669  5.570   1.00 52.46 ? 53  GLU A OE1 1 
ATOM   426 O OE2 . GLU A 1 61 ? 7.681   -4.351  6.256   1.00 53.71 ? 53  GLU A OE2 1 
ATOM   427 N N   . ALA A 1 62 ? 5.099   -1.109  2.051   1.00 18.64 ? 54  ALA A N   1 
ATOM   428 C CA  . ALA A 1 62 ? 5.585   -0.720  0.723   1.00 19.37 ? 54  ALA A CA  1 
ATOM   429 C C   . ALA A 1 62 ? 6.774   0.210   0.885   1.00 20.88 ? 54  ALA A C   1 
ATOM   430 O O   . ALA A 1 62 ? 6.858   0.971   1.865   1.00 22.27 ? 54  ALA A O   1 
ATOM   431 C CB  . ALA A 1 62 ? 4.508   -0.056  -0.125  1.00 16.79 ? 54  ALA A CB  1 
ATOM   432 N N   . PRO A 1 63 ? 7.701   0.131   -0.062  1.00 21.75 ? 55  PRO A N   1 
ATOM   433 C CA  . PRO A 1 63 ? 8.844   1.049   0.014   1.00 24.79 ? 55  PRO A CA  1 
ATOM   434 C C   . PRO A 1 63 ? 8.346   2.497   -0.051  1.00 22.41 ? 55  PRO A C   1 
ATOM   435 O O   . PRO A 1 63 ? 7.249   2.734   -0.524  1.00 20.38 ? 55  PRO A O   1 
ATOM   436 C CB  . PRO A 1 63 ? 9.641   0.738   -1.243  1.00 24.68 ? 55  PRO A CB  1 
ATOM   437 C CG  . PRO A 1 63 ? 9.037   -0.490  -1.835  1.00 27.86 ? 55  PRO A CG  1 
ATOM   438 C CD  . PRO A 1 63 ? 7.639   -0.609  -1.329  1.00 21.96 ? 55  PRO A CD  1 
ATOM   439 N N   . ARG A 1 64 ? 9.193   3.454   0.344   1.00 23.00 ? 56  ARG A N   1 
ATOM   440 C CA  . ARG A 1 64 ? 8.748   4.825   0.523   1.00 24.83 ? 56  ARG A CA  1 
ATOM   441 C C   . ARG A 1 64 ? 8.337   5.484   -0.747  1.00 23.55 ? 56  ARG A C   1 
ATOM   442 O O   . ARG A 1 64 ? 7.538   6.410   -0.710  1.00 23.73 ? 56  ARG A O   1 
ATOM   443 C CB  . ARG A 1 64 ? 9.794   5.661   1.262   1.00 29.89 ? 56  ARG A CB  1 
ATOM   444 C CG  . ARG A 1 64 ? 9.434   5.693   2.738   1.00 39.96 ? 56  ARG A CG  1 
ATOM   445 C CD  . ARG A 1 64 ? 10.412  6.453   3.606   1.00 42.94 ? 56  ARG A CD  1 
ATOM   446 N NE  . ARG A 1 64 ? 10.752  5.581   4.720   1.00 47.54 ? 56  ARG A NE  1 
ATOM   447 C CZ  . ARG A 1 64 ? 9.947   5.317   5.745   1.00 47.57 ? 56  ARG A CZ  1 
ATOM   448 N NH1 . ARG A 1 64 ? 8.731   5.864   5.819   1.00 48.48 ? 56  ARG A NH1 1 
ATOM   449 N NH2 . ARG A 1 64 ? 10.361  4.490   6.683   1.00 46.73 ? 56  ARG A NH2 1 
ATOM   450 N N   . GLY A 1 65 ? 8.866   5.000   -1.866  1.00 20.31 ? 57  GLY A N   1 
ATOM   451 C CA  . GLY A 1 65 ? 8.468   5.513   -3.191  1.00 22.83 ? 57  GLY A CA  1 
ATOM   452 C C   . GLY A 1 65 ? 7.019   5.238   -3.632  1.00 19.68 ? 57  GLY A C   1 
ATOM   453 O O   . GLY A 1 65 ? 6.561   5.766   -4.620  1.00 21.08 ? 57  GLY A O   1 
ATOM   454 N N   . VAL A 1 66 ? 6.328   4.362   -2.928  1.00 18.18 ? 58  VAL A N   1 
ATOM   455 C CA  . VAL A 1 66 ? 4.984   3.973   -3.302  1.00 17.35 ? 58  VAL A CA  1 
ATOM   456 C C   . VAL A 1 66 ? 3.987   4.864   -2.559  1.00 18.52 ? 58  VAL A C   1 
ATOM   457 O O   . VAL A 1 66 ? 4.014   4.953   -1.322  1.00 19.77 ? 58  VAL A O   1 
ATOM   458 C CB  . VAL A 1 66 ? 4.690   2.517   -2.903  1.00 15.84 ? 58  VAL A CB  1 
ATOM   459 C CG1 . VAL A 1 66 ? 3.224   2.182   -3.140  1.00 16.77 ? 58  VAL A CG1 1 
ATOM   460 C CG2 . VAL A 1 66 ? 5.630   1.535   -3.653  1.00 16.97 ? 58  VAL A CG2 1 
ATOM   461 N N   . LEU A 1 67 ? 3.138   5.498   -3.351  1.00 19.30 ? 59  LEU A N   1 
ATOM   462 C CA  . LEU A 1 67 ? 2.005   6.297   -2.934  1.00 24.93 ? 59  LEU A CA  1 
ATOM   463 C C   . LEU A 1 67 ? 0.793   5.351   -2.638  1.00 24.25 ? 59  LEU A C   1 
ATOM   464 O O   . LEU A 1 67 ? 0.404   4.581   -3.514  1.00 24.04 ? 59  LEU A O   1 
ATOM   465 C CB  . LEU A 1 67 ? 1.658   7.153   -4.148  1.00 28.92 ? 59  LEU A CB  1 
ATOM   466 C CG  . LEU A 1 67 ? 0.892   8.463   -3.976  1.00 37.15 ? 59  LEU A CG  1 
ATOM   467 C CD1 . LEU A 1 67 ? -0.084  8.761   -5.119  1.00 37.05 ? 59  LEU A CD1 1 
ATOM   468 C CD2 . LEU A 1 67 ? 0.236   8.538   -2.616  1.00 37.39 ? 59  LEU A CD2 1 
ATOM   469 N N   . ILE A 1 68 ? 0.279   5.331   -1.405  1.00 22.30 ? 60  ILE A N   1 
ATOM   470 C CA  . ILE A 1 68 ? -0.859  4.511   -1.034  1.00 23.35 ? 60  ILE A CA  1 
ATOM   471 C C   . ILE A 1 68 ? -2.042  5.451   -0.702  1.00 29.25 ? 60  ILE A C   1 
ATOM   472 O O   . ILE A 1 68 ? -1.935  6.231   0.251   1.00 28.32 ? 60  ILE A O   1 
ATOM   473 C CB  . ILE A 1 68 ? -0.581  3.677   0.234   1.00 23.35 ? 60  ILE A CB  1 
ATOM   474 C CG1 . ILE A 1 68 ? 0.647   2.777   0.065   1.00 25.28 ? 60  ILE A CG1 1 
ATOM   475 C CG2 . ILE A 1 68 ? -1.792  2.828   0.591   1.00 25.71 ? 60  ILE A CG2 1 
ATOM   476 C CD1 . ILE A 1 68 ? 1.242   2.293   1.373   1.00 23.04 ? 60  ILE A CD1 1 
ATOM   477 N N   . VAL A 1 69 ? -3.126  5.389   -1.491  1.00 27.17 ? 61  VAL A N   1 
ATOM   478 C CA  . VAL A 1 69 ? -4.288  6.284   -1.347  1.00 30.16 ? 61  VAL A CA  1 
ATOM   479 C C   . VAL A 1 69 ? -5.608  5.509   -1.302  1.00 28.42 ? 61  VAL A C   1 
ATOM   480 O O   . VAL A 1 69 ? -5.875  4.707   -2.215  1.00 25.33 ? 61  VAL A O   1 
ATOM   481 C CB  . VAL A 1 69 ? -4.378  7.274   -2.493  1.00 29.85 ? 61  VAL A CB  1 
ATOM   482 C CG1 . VAL A 1 69 ? -5.447  8.319   -2.214  1.00 40.15 ? 61  VAL A CG1 1 
ATOM   483 C CG2 . VAL A 1 69 ? -3.061  8.012   -2.643  1.00 37.93 ? 61  VAL A CG2 1 
ATOM   484 N N   . ARG A 1 70 ? -6.422  5.751   -0.262  1.00 26.55 ? 62  ARG A N   1 
ATOM   485 C CA  . ARG A 1 70 ? -7.749  5.112   -0.157  1.00 27.12 ? 62  ARG A CA  1 
ATOM   486 C C   . ARG A 1 70 ? -8.549  5.627   -1.297  1.00 24.87 ? 62  ARG A C   1 
ATOM   487 O O   . ARG A 1 70 ? -8.463  6.823   -1.627  1.00 24.75 ? 62  ARG A O   1 
ATOM   488 C CB  . ARG A 1 70 ? -8.420  5.453   1.160   1.00 31.40 ? 62  ARG A CB  1 
ATOM   489 C CG  . ARG A 1 70 ? -7.443  5.418   2.304   1.00 35.10 ? 62  ARG A CG  1 
ATOM   490 C CD  . ARG A 1 70 ? -8.142  5.540   3.656   1.00 38.99 ? 62  ARG A CD  1 
ATOM   491 N NE  . ARG A 1 70 ? -9.119  6.621   3.805   1.00 38.99 ? 62  ARG A NE  1 
ATOM   492 C CZ  . ARG A 1 70 ? -8.910  7.746   4.477   1.00 40.47 ? 62  ARG A CZ  1 
ATOM   493 N NH1 . ARG A 1 70 ? -7.711  8.055   4.982   1.00 37.12 ? 62  ARG A NH1 1 
ATOM   494 N NH2 . ARG A 1 70 ? -9.900  8.611   4.567   1.00 41.90 ? 62  ARG A NH2 1 
ATOM   495 N N   . ASP A 1 71 ? -9.341  4.750   -1.904  1.00 26.61 ? 63  ASP A N   1 
ATOM   496 C CA  . ASP A 1 71 ? -10.047 5.047   -3.158  1.00 28.32 ? 63  ASP A CA  1 
ATOM   497 C C   . ASP A 1 71 ? -10.958 6.277   -3.052  1.00 29.54 ? 63  ASP A C   1 
ATOM   498 O O   . ASP A 1 71 ? -11.062 7.064   -3.994  1.00 32.36 ? 63  ASP A O   1 
ATOM   499 C CB  . ASP A 1 71 ? -10.865 3.825   -3.596  1.00 34.67 ? 63  ASP A CB  1 
ATOM   500 C CG  . ASP A 1 71 ? -10.020 2.760   -4.287  1.00 41.95 ? 63  ASP A CG  1 
ATOM   501 O OD1 . ASP A 1 71 ? -8.887  3.078   -4.748  1.00 39.67 ? 63  ASP A OD1 1 
ATOM   502 O OD2 . ASP A 1 71 ? -10.510 1.603   -4.386  1.00 46.17 ? 63  ASP A OD2 1 
ATOM   503 N N   . GLU A 1 72 ? -11.598 6.454   -1.892  1.00 31.06 ? 64  GLU A N   1 
ATOM   504 C CA  . GLU A 1 72 ? -12.536 7.573   -1.654  1.00 34.41 ? 64  GLU A CA  1 
ATOM   505 C C   . GLU A 1 72 ? -11.880 8.975   -1.516  1.00 36.18 ? 64  GLU A C   1 
ATOM   506 O O   . GLU A 1 72 ? -12.567 10.012  -1.600  1.00 37.50 ? 64  GLU A O   1 
ATOM   507 C CB  . GLU A 1 72 ? -13.481 7.242   -0.470  1.00 32.73 ? 64  GLU A CB  1 
ATOM   508 C CG  . GLU A 1 72 ? -12.847 7.262   0.895   1.00 32.78 ? 64  GLU A CG  1 
ATOM   509 C CD  . GLU A 1 72 ? -12.178 5.937   1.252   1.00 34.25 ? 64  GLU A CD  1 
ATOM   510 O OE1 . GLU A 1 72 ? -11.964 5.054   0.381   1.00 30.00 ? 64  GLU A OE1 1 
ATOM   511 O OE2 . GLU A 1 72 ? -11.859 5.788   2.438   1.00 32.05 ? 64  GLU A OE2 1 
ATOM   512 N N   . LEU A 1 73 ? -10.561 8.993   -1.310  1.00 37.23 ? 65  LEU A N   1 
ATOM   513 C CA  . LEU A 1 73 ? -9.764  10.242  -1.303  1.00 44.90 ? 65  LEU A CA  1 
ATOM   514 C C   . LEU A 1 73 ? -9.246  10.629  -2.698  1.00 54.74 ? 65  LEU A C   1 
ATOM   515 O O   . LEU A 1 73 ? -9.450  11.766  -3.127  1.00 63.19 ? 65  LEU A O   1 
ATOM   516 C CB  . LEU A 1 73 ? -8.626  10.165  -0.283  1.00 37.26 ? 65  LEU A CB  1 
ATOM   517 C CG  . LEU A 1 73 ? -9.007  9.909   1.193   1.00 38.51 ? 65  LEU A CG  1 
ATOM   518 C CD1 . LEU A 1 73 ? -7.873  10.319  2.127   1.00 37.66 ? 65  LEU A CD1 1 
ATOM   519 C CD2 . LEU A 1 73 ? -10.301 10.592  1.612   1.00 45.68 ? 65  LEU A CD2 1 
ATOM   520 N N   . LYS A 1 74 ? -8.590  9.689   -3.396  1.00 66.50 ? 66  LYS A N   1 
ATOM   521 C CA  . LYS A 1 74 ? -8.220  9.836   -4.837  1.00 75.09 ? 66  LYS A CA  1 
ATOM   522 C C   . LYS A 1 74 ? -7.889  8.502   -5.571  1.00 74.23 ? 66  LYS A C   1 
ATOM   523 O O   . LYS A 1 74 ? -8.753  7.885   -6.209  1.00 68.43 ? 66  LYS A O   1 
ATOM   524 C CB  . LYS A 1 74 ? -7.123  10.919  -5.047  1.00 77.26 ? 66  LYS A CB  1 
ATOM   525 C CG  . LYS A 1 74 ? -6.455  10.967  -6.430  1.00 76.08 ? 66  LYS A CG  1 
ATOM   526 C CD  . LYS A 1 74 ? -7.430  11.241  -7.572  1.00 73.31 ? 66  LYS A CD  1 
ATOM   527 C CE  . LYS A 1 74 ? -6.924  10.660  -8.887  1.00 67.65 ? 66  LYS A CE  1 
ATOM   528 N NZ  . LYS A 1 74 ? -8.050  10.307  -9.803  1.00 61.89 ? 66  LYS A NZ  1 
HETATM 529 I I   . IOD B 2 .  ? -11.538 -3.486  11.781  0.50 31.33 ? 200 IOD A I   1 
HETATM 530 I I   . IOD C 2 .  ? -5.089  7.068   3.261   0.50 39.24 ? 201 IOD A I   1 
HETATM 531 O O   . HOH D 3 .  ? -10.559 11.211  -5.751  1.00 58.29 ? 301 HOH A O   1 
HETATM 532 O O   . HOH D 3 .  ? -12.683 3.088   -1.305  1.00 33.40 ? 302 HOH A O   1 
HETATM 533 O O   . HOH D 3 .  ? 4.809   3.680   1.081   1.00 30.62 ? 303 HOH A O   1 
HETATM 534 O O   . HOH D 3 .  ? 13.525  -1.065  -0.045  1.00 30.12 ? 304 HOH A O   1 
HETATM 535 O O   . HOH D 3 .  ? 5.243   -8.395  7.200   1.00 51.82 ? 305 HOH A O   1 
HETATM 536 O O   . HOH D 3 .  ? -11.548 9.277   7.055   1.00 30.03 ? 306 HOH A O   1 
HETATM 537 O O   . HOH D 3 .  ? -2.048  5.792   -5.620  1.00 35.28 ? 307 HOH A O   1 
HETATM 538 O O   . HOH D 3 .  ? 13.822  -6.475  -0.459  1.00 54.75 ? 308 HOH A O   1 
HETATM 539 O O   . HOH D 3 .  ? -1.429  8.015   -10.309 1.00 68.18 ? 309 HOH A O   1 
HETATM 540 O O   . HOH D 3 .  ? 6.927   7.946   3.995   1.00 62.82 ? 310 HOH A O   1 
HETATM 541 O O   . HOH D 3 .  ? -9.661  -0.437  -5.986  1.00 50.37 ? 311 HOH A O   1 
HETATM 542 O O   . HOH D 3 .  ? -22.202 -8.535  4.380   1.00 55.67 ? 312 HOH A O   1 
HETATM 543 O O   . HOH D 3 .  ? 13.617  8.124   -13.535 1.00 51.08 ? 313 HOH A O   1 
HETATM 544 O O   . HOH D 3 .  ? 11.140  -8.000  1.042   1.00 60.45 ? 314 HOH A O   1 
HETATM 545 O O   . HOH D 3 .  ? -22.075 -5.625  10.992  1.00 40.16 ? 315 HOH A O   1 
HETATM 546 O O   . HOH D 3 .  ? 16.399  -7.208  -9.020  1.00 51.89 ? 316 HOH A O   1 
HETATM 547 O O   . HOH D 3 .  ? 3.255   12.109  -6.428  1.00 33.69 ? 317 HOH A O   1 
HETATM 548 O O   . HOH D 3 .  ? 9.407   -9.851  -2.825  1.00 53.14 ? 318 HOH A O   1 
HETATM 549 O O   . HOH D 3 .  ? -18.740 -4.754  4.603   1.00 31.21 ? 319 HOH A O   1 
HETATM 550 O O   . HOH D 3 .  ? 11.852  2.190   1.111   1.00 35.59 ? 320 HOH A O   1 
HETATM 551 O O   . HOH D 3 .  ? -10.971 3.718   6.772   1.00 53.74 ? 321 HOH A O   1 
HETATM 552 O O   . HOH D 3 .  ? 3.375   12.374  -3.505  1.00 43.20 ? 322 HOH A O   1 
HETATM 553 O O   . HOH D 3 .  ? 3.542   12.089  -0.601  1.00 63.68 ? 323 HOH A O   1 
HETATM 554 O O   . HOH D 3 .  ? -3.960  8.373   -6.739  1.00 46.08 ? 324 HOH A O   1 
HETATM 555 O O   . HOH D 3 .  ? 8.261   -5.777  1.975   1.00 60.45 ? 325 HOH A O   1 
HETATM 556 O O   . HOH D 3 .  ? -0.211  -5.616  11.374  1.00 46.84 ? 326 HOH A O   1 
HETATM 557 O O   . HOH D 3 .  ? -7.303  7.756   -10.192 1.00 57.02 ? 327 HOH A O   1 
HETATM 558 O O   . HOH D 3 .  ? -20.303 -1.839  -2.221  1.00 47.59 ? 328 HOH A O   1 
HETATM 559 O O   . HOH D 3 .  ? -22.479 -1.059  -0.690  1.00 62.22 ? 329 HOH A O   1 
HETATM 560 O O   . HOH D 3 .  ? 17.520  -2.191  -4.619  1.00 27.58 ? 330 HOH A O   1 
HETATM 561 O O   . HOH D 3 .  ? 13.932  6.076   -2.405  1.00 20.33 ? 331 HOH A O   1 
HETATM 562 O O   . HOH D 3 .  ? -17.753 2.091   -2.565  1.00 64.29 ? 332 HOH A O   1 
HETATM 563 O O   . HOH D 3 .  ? 17.328  0.066   -2.999  1.00 58.65 ? 333 HOH A O   1 
# 
